data_4E4T
#
_entry.id   4E4T
#
_cell.length_a   65.430
_cell.length_b   73.390
_cell.length_c   159.290
_cell.angle_alpha   90.000
_cell.angle_beta   90.000
_cell.angle_gamma   90.000
#
_symmetry.space_group_name_H-M   'P 21 21 21'
#
loop_
_entity.id
_entity.type
_entity.pdbx_description
1 polymer 'Phosphoribosylaminoimidazole carboxylase, ATPase subunit'
2 non-polymer 'SULFATE ION'
3 water water
#
_entity_poly.entity_id   1
_entity_poly.type   'polypeptide(L)'
_entity_poly.pdbx_seq_one_letter_code
;MAHHHHHHMGTLEAQTQGPGSMTATPDSVSPILPGAWLGMVGGGQLGRMFCFAAQSMGYRVAVLDPDPASPAGAVADRHL
RAAYDDEAALAELAGLCEAVSTEFENVPAASLDFLARTTFVAPAGRCVAVAQDRIAEKRFIEASGVPVAPHVVIESAAAL
AALDDAALDAVLPGILKTARLGYDGKGQVRVSTAREARDAHAALGGVPCVLEKRLPLKYEVSALIARGADGRSAAFPLAQ
NVHHNGILALTIVPAPAADTARVEEAQQAAVRIADTLGYVGVLCVEFFVLEDGSFVANEMAPRPHNSGHYTVDACATSQF
EQQVRAMTRMPLGNPRQHSPAAMLNILGDVWFPNGAAAGAVTPPWDTVAAMPAAHLHLYGKEEARVGRKMGHVNFTAEMR
DDAVAAATACAQLLRVPLD
;
_entity_poly.pdbx_strand_id   A,B
#
# COMPACT_ATOMS: atom_id res chain seq x y z
N VAL A 29 -11.75 23.72 11.14
CA VAL A 29 -11.57 23.92 9.66
C VAL A 29 -10.17 23.51 9.12
N SER A 30 -9.12 23.72 9.91
CA SER A 30 -7.75 23.54 9.44
C SER A 30 -7.40 22.06 9.16
N PRO A 31 -6.41 21.84 8.29
CA PRO A 31 -5.97 20.47 8.07
C PRO A 31 -5.31 19.83 9.28
N ILE A 32 -5.51 18.53 9.43
CA ILE A 32 -4.87 17.73 10.46
C ILE A 32 -3.70 17.03 9.77
N LEU A 33 -2.48 17.47 10.07
CA LEU A 33 -1.33 17.12 9.27
C LEU A 33 -0.71 15.80 9.73
N PRO A 34 0.08 15.20 8.84
CA PRO A 34 0.84 13.99 9.18
C PRO A 34 1.50 13.97 10.54
N GLY A 35 1.46 12.81 11.20
CA GLY A 35 1.90 12.65 12.59
C GLY A 35 0.79 12.61 13.61
N ALA A 36 -0.35 13.18 13.27
CA ALA A 36 -1.53 13.13 14.15
C ALA A 36 -2.05 11.70 14.31
N TRP A 37 -2.71 11.48 15.43
CA TRP A 37 -3.47 10.25 15.68
C TRP A 37 -4.81 10.33 15.02
N LEU A 38 -5.12 9.29 14.25
CA LEU A 38 -6.41 9.06 13.61
C LEU A 38 -7.05 7.81 14.19
N GLY A 39 -8.34 7.88 14.46
CA GLY A 39 -9.06 6.73 15.03
C GLY A 39 -9.88 6.02 13.93
N MET A 40 -10.05 4.71 14.12
CA MET A 40 -10.88 3.87 13.24
C MET A 40 -11.78 3.00 14.10
N VAL A 41 -13.09 3.20 13.96
CA VAL A 41 -14.09 2.40 14.68
C VAL A 41 -14.44 1.20 13.80
N GLY A 42 -13.97 0.05 14.18
CA GLY A 42 -14.03 -1.18 13.40
C GLY A 42 -12.64 -1.61 12.95
N GLY A 43 -12.31 -2.90 13.08
CA GLY A 43 -10.96 -3.38 12.80
C GLY A 43 -10.94 -4.60 11.90
N GLY A 44 -11.89 -4.69 10.98
CA GLY A 44 -11.84 -5.70 9.96
C GLY A 44 -10.89 -5.32 8.83
N GLN A 45 -11.10 -5.90 7.66
CA GLN A 45 -10.24 -5.70 6.51
C GLN A 45 -10.22 -4.24 6.04
N LEU A 46 -11.36 -3.56 6.15
CA LEU A 46 -11.39 -2.13 5.76
C LEU A 46 -10.52 -1.32 6.67
N GLY A 47 -10.61 -1.55 7.99
CA GLY A 47 -9.77 -0.81 8.90
C GLY A 47 -8.30 -1.13 8.73
N ARG A 48 -8.02 -2.38 8.36
CA ARG A 48 -6.62 -2.82 8.12
C ARG A 48 -6.03 -2.10 6.94
N MET A 49 -6.75 -2.04 5.82
CA MET A 49 -6.25 -1.34 4.65
C MET A 49 -6.19 0.18 4.88
N PHE A 50 -7.09 0.70 5.69
CA PHE A 50 -6.98 2.09 6.16
C PHE A 50 -5.66 2.32 6.88
N CYS A 51 -5.30 1.41 7.80
CA CYS A 51 -4.03 1.57 8.53
C CYS A 51 -2.84 1.70 7.54
N PHE A 52 -2.74 0.86 6.56
CA PHE A 52 -1.60 0.94 5.65
C PHE A 52 -1.54 2.33 4.97
N ALA A 53 -2.71 2.82 4.54
CA ALA A 53 -2.76 4.11 3.86
C ALA A 53 -2.35 5.25 4.79
N ALA A 54 -2.94 5.27 5.97
CA ALA A 54 -2.68 6.33 6.95
C ALA A 54 -1.23 6.33 7.43
N GLN A 55 -0.69 5.14 7.77
CA GLN A 55 0.69 5.03 8.27
C GLN A 55 1.72 5.36 7.19
N SER A 56 1.41 5.08 5.94
CA SER A 56 2.32 5.39 4.85
CA SER A 56 2.33 5.41 4.84
C SER A 56 2.52 6.91 4.74
N MET A 57 1.44 7.66 5.02
CA MET A 57 1.48 9.14 5.02
C MET A 57 1.98 9.75 6.31
N GLY A 58 2.42 8.93 7.26
CA GLY A 58 2.96 9.43 8.52
C GLY A 58 1.97 9.61 9.65
N TYR A 59 0.71 9.20 9.50
CA TYR A 59 -0.27 9.26 10.59
C TYR A 59 -0.14 8.04 11.48
N ARG A 60 -0.54 8.17 12.74
CA ARG A 60 -0.64 7.04 13.67
C ARG A 60 -2.10 6.69 13.79
N VAL A 61 -2.40 5.40 13.79
CA VAL A 61 -3.78 4.91 13.83
C VAL A 61 -4.08 4.13 15.10
N ALA A 62 -5.17 4.52 15.76
CA ALA A 62 -5.75 3.75 16.87
C ALA A 62 -7.04 3.11 16.37
N VAL A 63 -7.10 1.76 16.43
CA VAL A 63 -8.27 0.96 16.08
C VAL A 63 -9.07 0.57 17.29
N LEU A 64 -10.35 0.83 17.29
CA LEU A 64 -11.29 0.29 18.31
C LEU A 64 -12.07 -0.88 17.68
N ASP A 65 -11.89 -2.06 18.28
CA ASP A 65 -12.49 -3.31 17.80
C ASP A 65 -12.44 -4.29 18.95
N PRO A 66 -13.60 -4.82 19.35
CA PRO A 66 -13.58 -5.76 20.48
C PRO A 66 -12.90 -7.11 20.20
N ASP A 67 -12.72 -7.45 18.93
CA ASP A 67 -12.16 -8.74 18.55
C ASP A 67 -10.68 -8.79 18.93
N PRO A 68 -10.30 -9.74 19.81
CA PRO A 68 -8.89 -9.89 20.12
C PRO A 68 -8.00 -10.27 18.93
N ALA A 69 -8.58 -10.88 17.91
CA ALA A 69 -7.86 -11.23 16.68
C ALA A 69 -8.09 -10.20 15.54
N SER A 70 -8.54 -9.01 15.90
CA SER A 70 -8.76 -7.89 14.95
C SER A 70 -7.65 -7.81 13.93
N PRO A 71 -8.00 -7.99 12.62
CA PRO A 71 -6.96 -7.81 11.63
C PRO A 71 -6.34 -6.41 11.57
N ALA A 72 -7.14 -5.38 11.79
CA ALA A 72 -6.63 -4.00 11.79
C ALA A 72 -5.86 -3.72 13.08
N GLY A 73 -6.42 -4.15 14.20
CA GLY A 73 -5.76 -3.94 15.49
C GLY A 73 -4.35 -4.51 15.52
N ALA A 74 -4.15 -5.64 14.85
CA ALA A 74 -2.84 -6.30 14.75
C ALA A 74 -1.75 -5.39 14.14
N VAL A 75 -2.14 -4.55 13.18
CA VAL A 75 -1.22 -3.75 12.42
C VAL A 75 -1.30 -2.27 12.73
N ALA A 76 -2.19 -1.87 13.61
CA ALA A 76 -2.35 -0.47 14.01
C ALA A 76 -1.26 -0.02 14.95
N ASP A 77 -1.13 1.29 15.13
CA ASP A 77 -0.23 1.83 16.12
C ASP A 77 -0.73 1.54 17.54
N ARG A 78 -2.05 1.50 17.71
CA ARG A 78 -2.66 1.15 18.97
C ARG A 78 -3.97 0.41 18.70
N HIS A 79 -4.32 -0.54 19.57
CA HIS A 79 -5.58 -1.27 19.49
C HIS A 79 -6.27 -1.14 20.81
N LEU A 80 -7.40 -0.47 20.82
CA LEU A 80 -8.31 -0.42 21.97
C LEU A 80 -9.27 -1.58 21.75
N ARG A 81 -9.05 -2.66 22.49
CA ARG A 81 -9.85 -3.89 22.30
C ARG A 81 -11.09 -3.81 23.16
N ALA A 82 -12.13 -3.16 22.64
CA ALA A 82 -13.25 -2.71 23.45
C ALA A 82 -14.50 -2.82 22.65
N ALA A 83 -15.61 -3.05 23.34
CA ALA A 83 -16.93 -3.02 22.77
C ALA A 83 -17.27 -1.63 22.22
N TYR A 84 -18.13 -1.62 21.21
CA TYR A 84 -18.42 -0.36 20.51
C TYR A 84 -19.20 0.63 21.36
N ASP A 85 -19.78 0.14 22.47
CA ASP A 85 -20.54 0.98 23.39
C ASP A 85 -19.83 1.16 24.72
N ASP A 86 -18.55 0.82 24.80
CA ASP A 86 -17.71 1.03 25.98
C ASP A 86 -17.30 2.51 26.06
N GLU A 87 -17.96 3.28 26.91
CA GLU A 87 -17.70 4.71 27.00
C GLU A 87 -16.31 5.05 27.48
N ALA A 88 -15.71 4.21 28.34
CA ALA A 88 -14.33 4.50 28.76
C ALA A 88 -13.36 4.39 27.60
N ALA A 89 -13.57 3.37 26.77
CA ALA A 89 -12.71 3.18 25.59
C ALA A 89 -12.98 4.31 24.59
N LEU A 90 -14.25 4.68 24.41
CA LEU A 90 -14.58 5.71 23.43
C LEU A 90 -13.98 7.06 23.83
N ALA A 91 -14.06 7.38 25.11
CA ALA A 91 -13.47 8.64 25.59
C ALA A 91 -11.95 8.66 25.41
N GLU A 92 -11.30 7.50 25.58
CA GLU A 92 -9.85 7.44 25.39
C GLU A 92 -9.52 7.62 23.90
N LEU A 93 -10.29 6.98 23.03
CA LEU A 93 -10.10 7.11 21.56
C LEU A 93 -10.26 8.58 21.15
N ALA A 94 -11.35 9.21 21.57
CA ALA A 94 -11.62 10.61 21.25
C ALA A 94 -10.56 11.53 21.84
N GLY A 95 -10.08 11.24 23.04
CA GLY A 95 -9.03 12.08 23.61
C GLY A 95 -7.70 12.00 22.88
N LEU A 96 -7.39 10.82 22.35
CA LEU A 96 -6.10 10.54 21.71
C LEU A 96 -6.11 11.10 20.28
N CYS A 97 -7.23 10.90 19.60
CA CYS A 97 -7.32 11.14 18.14
C CYS A 97 -7.84 12.51 17.78
N GLU A 98 -7.24 13.10 16.74
CA GLU A 98 -7.70 14.40 16.24
C GLU A 98 -8.88 14.23 15.28
N ALA A 99 -9.00 13.05 14.66
CA ALA A 99 -10.17 12.74 13.86
C ALA A 99 -10.42 11.23 13.95
N VAL A 100 -11.67 10.83 13.79
CA VAL A 100 -12.10 9.40 13.86
C VAL A 100 -13.04 9.11 12.71
N SER A 101 -12.82 7.97 12.05
CA SER A 101 -13.73 7.49 11.00
C SER A 101 -14.16 6.08 11.35
N THR A 102 -14.98 5.50 10.48
CA THR A 102 -15.64 4.24 10.76
CA THR A 102 -15.64 4.25 10.76
C THR A 102 -15.55 3.27 9.58
N GLU A 103 -15.55 1.99 9.91
CA GLU A 103 -15.69 0.91 8.97
C GLU A 103 -16.75 -0.14 9.46
N PHE A 104 -17.05 -0.21 10.76
CA PHE A 104 -17.86 -1.32 11.30
C PHE A 104 -19.30 -1.17 10.86
N GLU A 105 -19.89 -2.29 10.40
CA GLU A 105 -21.20 -2.24 9.72
C GLU A 105 -22.30 -1.74 10.66
N ASN A 106 -22.36 -2.29 11.84
CA ASN A 106 -23.45 -1.98 12.76
C ASN A 106 -23.09 -0.99 13.84
N VAL A 107 -22.27 0.03 13.56
CA VAL A 107 -21.81 0.90 14.63
C VAL A 107 -23.00 1.70 15.19
N PRO A 108 -23.17 1.74 16.51
CA PRO A 108 -24.27 2.56 17.01
C PRO A 108 -24.00 4.03 16.80
N ALA A 109 -24.96 4.75 16.21
CA ALA A 109 -24.75 6.18 15.94
C ALA A 109 -24.51 6.96 17.25
N ALA A 110 -25.06 6.46 18.36
CA ALA A 110 -24.85 7.05 19.69
C ALA A 110 -23.36 7.05 20.07
N SER A 111 -22.64 6.02 19.65
CA SER A 111 -21.19 5.98 19.89
C SER A 111 -20.47 7.06 19.08
N LEU A 112 -20.89 7.28 17.82
CA LEU A 112 -20.24 8.29 17.00
C LEU A 112 -20.54 9.67 17.57
N ASP A 113 -21.78 9.88 18.01
CA ASP A 113 -22.05 11.19 18.60
C ASP A 113 -21.37 11.38 19.96
N PHE A 114 -21.23 10.32 20.75
CA PHE A 114 -20.36 10.41 21.97
C PHE A 114 -18.94 10.85 21.61
N LEU A 115 -18.36 10.22 20.59
CA LEU A 115 -17.03 10.59 20.13
C LEU A 115 -16.96 12.05 19.66
N ALA A 116 -18.01 12.51 18.96
CA ALA A 116 -18.03 13.84 18.40
C ALA A 116 -18.10 14.96 19.45
N ARG A 117 -18.35 14.59 20.71
CA ARG A 117 -18.23 15.59 21.79
C ARG A 117 -16.82 16.13 21.92
N THR A 118 -15.81 15.31 21.58
CA THR A 118 -14.41 15.67 21.84
C THR A 118 -13.46 15.52 20.65
N THR A 119 -13.95 15.03 19.50
CA THR A 119 -13.10 14.94 18.31
C THR A 119 -13.93 15.09 17.06
N PHE A 120 -13.22 15.16 15.92
CA PHE A 120 -13.83 15.32 14.59
C PHE A 120 -14.17 13.92 14.06
N VAL A 121 -15.46 13.69 13.82
CA VAL A 121 -15.98 12.36 13.37
C VAL A 121 -16.50 12.49 11.93
N ALA A 122 -15.87 11.77 10.99
CA ALA A 122 -16.14 11.89 9.54
C ALA A 122 -16.12 10.51 8.87
N PRO A 123 -17.27 10.01 8.45
CA PRO A 123 -18.58 10.67 8.38
C PRO A 123 -19.30 10.76 9.71
N ALA A 124 -20.20 11.72 9.80
CA ALA A 124 -20.93 11.99 11.01
C ALA A 124 -21.97 10.91 11.29
N GLY A 125 -22.28 10.71 12.56
CA GLY A 125 -23.27 9.69 12.96
C GLY A 125 -24.60 9.76 12.23
N ARG A 126 -25.08 10.97 11.99
CA ARG A 126 -26.38 11.15 11.34
C ARG A 126 -26.33 10.63 9.89
N CYS A 127 -25.17 10.72 9.25
CA CYS A 127 -25.01 10.18 7.90
C CYS A 127 -24.98 8.67 7.92
N VAL A 128 -24.21 8.10 8.85
CA VAL A 128 -24.12 6.68 8.98
C VAL A 128 -25.50 6.09 9.30
N ALA A 129 -26.26 6.75 10.17
CA ALA A 129 -27.58 6.25 10.57
C ALA A 129 -28.52 6.14 9.38
N VAL A 130 -28.45 7.09 8.44
CA VAL A 130 -29.38 7.06 7.26
C VAL A 130 -29.13 5.78 6.42
N ALA A 131 -27.85 5.48 6.25
CA ALA A 131 -27.45 4.27 5.49
C ALA A 131 -27.79 2.95 6.14
N GLN A 132 -27.93 2.94 7.45
CA GLN A 132 -28.23 1.72 8.24
C GLN A 132 -29.72 1.37 8.30
N ASP A 133 -30.59 2.23 7.76
CA ASP A 133 -32.00 1.99 7.84
C ASP A 133 -32.50 1.95 6.41
N ARG A 134 -33.02 0.78 5.97
CA ARG A 134 -33.39 0.65 4.54
C ARG A 134 -34.44 1.65 4.09
N ILE A 135 -35.36 2.00 4.99
CA ILE A 135 -36.41 2.93 4.73
C ILE A 135 -35.84 4.35 4.61
N ALA A 136 -35.07 4.79 5.61
CA ALA A 136 -34.40 6.11 5.53
C ALA A 136 -33.54 6.22 4.28
N GLU A 137 -32.79 5.17 3.97
CA GLU A 137 -31.89 5.18 2.83
C GLU A 137 -32.60 5.42 1.48
N LYS A 138 -33.67 4.67 1.25
CA LYS A 138 -34.49 4.84 0.06
C LYS A 138 -35.11 6.25 0.01
N ARG A 139 -35.67 6.70 1.13
CA ARG A 139 -36.27 8.00 1.19
C ARG A 139 -35.28 9.11 0.96
N PHE A 140 -34.06 8.94 1.50
CA PHE A 140 -33.06 9.98 1.37
C PHE A 140 -32.55 10.10 -0.07
N ILE A 141 -32.28 8.95 -0.70
CA ILE A 141 -31.81 9.01 -2.08
C ILE A 141 -32.87 9.65 -2.98
N GLU A 142 -34.13 9.27 -2.85
CA GLU A 142 -35.21 9.89 -3.62
C GLU A 142 -35.26 11.41 -3.38
N ALA A 143 -35.15 11.81 -2.11
CA ALA A 143 -35.14 13.22 -1.69
C ALA A 143 -33.94 13.99 -2.22
N SER A 144 -32.88 13.29 -2.60
CA SER A 144 -31.70 13.90 -3.22
C SER A 144 -31.88 14.06 -4.72
N GLY A 145 -33.04 13.65 -5.27
CA GLY A 145 -33.32 13.77 -6.69
C GLY A 145 -32.65 12.72 -7.58
N VAL A 146 -32.37 11.58 -7.01
CA VAL A 146 -31.81 10.43 -7.74
C VAL A 146 -32.89 9.33 -7.78
N PRO A 147 -33.17 8.78 -8.97
CA PRO A 147 -34.22 7.75 -9.04
C PRO A 147 -33.83 6.54 -8.21
N VAL A 148 -34.82 5.98 -7.50
CA VAL A 148 -34.60 4.81 -6.66
CA VAL A 148 -34.63 4.83 -6.66
C VAL A 148 -35.30 3.57 -7.21
N ALA A 149 -34.74 2.40 -6.87
CA ALA A 149 -35.31 1.11 -7.28
C ALA A 149 -36.72 0.96 -6.72
N PRO A 150 -37.65 0.43 -7.52
CA PRO A 150 -39.06 0.29 -7.11
C PRO A 150 -39.18 -0.52 -5.82
N HIS A 151 -39.95 0.02 -4.88
CA HIS A 151 -40.18 -0.62 -3.56
C HIS A 151 -41.38 0.01 -2.92
N VAL A 152 -41.90 -0.66 -1.86
CA VAL A 152 -42.94 -0.13 -0.99
C VAL A 152 -42.41 -0.21 0.45
N VAL A 153 -42.61 0.88 1.19
CA VAL A 153 -42.26 0.92 2.63
C VAL A 153 -43.40 0.35 3.45
N ILE A 154 -43.06 -0.54 4.39
CA ILE A 154 -44.04 -1.18 5.28
C ILE A 154 -43.55 -0.98 6.71
N GLU A 155 -44.02 0.10 7.33
CA GLU A 155 -43.62 0.49 8.66
C GLU A 155 -44.15 -0.42 9.75
N SER A 156 -45.33 -1.01 9.54
CA SER A 156 -46.06 -1.68 10.62
C SER A 156 -47.17 -2.56 10.08
N ALA A 157 -47.73 -3.41 10.92
CA ALA A 157 -48.86 -4.23 10.53
C ALA A 157 -50.07 -3.37 10.15
N ALA A 158 -50.24 -2.23 10.81
CA ALA A 158 -51.34 -1.31 10.48
C ALA A 158 -51.12 -0.71 9.09
N ALA A 159 -49.89 -0.31 8.80
CA ALA A 159 -49.58 0.26 7.48
C ALA A 159 -49.82 -0.77 6.39
N LEU A 160 -49.43 -2.02 6.66
CA LEU A 160 -49.61 -3.09 5.70
C LEU A 160 -51.09 -3.35 5.46
N ALA A 161 -51.90 -3.33 6.52
CA ALA A 161 -53.32 -3.57 6.40
C ALA A 161 -53.99 -2.51 5.56
N ALA A 162 -53.46 -1.30 5.55
CA ALA A 162 -54.01 -0.21 4.75
C ALA A 162 -53.51 -0.18 3.31
N LEU A 163 -52.61 -1.09 2.92
CA LEU A 163 -52.17 -1.21 1.52
C LEU A 163 -52.98 -2.30 0.85
N ASP A 164 -53.63 -1.99 -0.27
CA ASP A 164 -54.37 -3.03 -0.98
C ASP A 164 -53.41 -3.94 -1.75
N ASP A 165 -53.92 -5.08 -2.16
CA ASP A 165 -53.13 -6.07 -2.90
C ASP A 165 -52.46 -5.46 -4.14
N ALA A 166 -53.16 -4.57 -4.83
CA ALA A 166 -52.62 -3.94 -6.04
C ALA A 166 -51.36 -3.11 -5.74
N ALA A 167 -51.37 -2.40 -4.60
CA ALA A 167 -50.19 -1.68 -4.12
C ALA A 167 -48.99 -2.61 -3.91
N LEU A 168 -49.23 -3.79 -3.34
CA LEU A 168 -48.18 -4.79 -3.19
C LEU A 168 -47.77 -5.41 -4.53
N ASP A 169 -48.76 -5.75 -5.36
CA ASP A 169 -48.48 -6.38 -6.66
C ASP A 169 -47.54 -5.55 -7.53
N ALA A 170 -47.58 -4.23 -7.37
CA ALA A 170 -46.71 -3.32 -8.12
C ALA A 170 -45.22 -3.61 -7.91
N VAL A 171 -44.88 -4.20 -6.75
CA VAL A 171 -43.49 -4.50 -6.43
C VAL A 171 -43.25 -6.00 -6.21
N LEU A 172 -44.09 -6.83 -6.84
CA LEU A 172 -43.95 -8.27 -6.73
C LEU A 172 -43.84 -8.93 -8.09
N PRO A 173 -43.15 -10.08 -8.16
CA PRO A 173 -42.36 -10.69 -7.10
C PRO A 173 -41.23 -9.76 -6.62
N GLY A 174 -40.77 -10.02 -5.40
CA GLY A 174 -39.74 -9.20 -4.81
C GLY A 174 -39.22 -9.85 -3.56
N ILE A 175 -38.58 -9.04 -2.74
CA ILE A 175 -37.94 -9.53 -1.49
C ILE A 175 -38.35 -8.56 -0.40
N LEU A 176 -38.91 -9.10 0.69
CA LEU A 176 -39.20 -8.30 1.87
C LEU A 176 -37.99 -8.29 2.74
N LYS A 177 -37.53 -7.09 3.11
CA LYS A 177 -36.30 -6.93 3.90
C LYS A 177 -36.55 -6.05 5.14
N THR A 178 -36.12 -6.54 6.30
CA THR A 178 -36.17 -5.72 7.49
C THR A 178 -35.38 -4.43 7.29
N ALA A 179 -35.90 -3.34 7.83
CA ALA A 179 -35.23 -2.04 7.71
C ALA A 179 -33.89 -1.97 8.46
N ARG A 180 -33.86 -2.59 9.65
CA ARG A 180 -32.70 -2.52 10.50
C ARG A 180 -32.19 -3.89 10.93
N LEU A 181 -30.87 -3.95 11.07
CA LEU A 181 -30.13 -5.11 11.58
C LEU A 181 -30.15 -6.38 10.68
N GLY A 182 -30.51 -6.25 9.41
CA GLY A 182 -30.53 -7.40 8.53
C GLY A 182 -29.27 -7.42 7.67
N TYR A 183 -28.13 -7.64 8.31
CA TYR A 183 -26.86 -7.71 7.61
C TYR A 183 -26.58 -9.11 7.08
N ASP A 184 -25.81 -9.19 5.98
CA ASP A 184 -25.36 -10.47 5.40
C ASP A 184 -26.53 -11.43 5.15
N GLY A 185 -27.57 -10.94 4.48
CA GLY A 185 -28.72 -11.78 4.09
C GLY A 185 -29.79 -11.99 5.14
N LYS A 186 -29.55 -11.57 6.38
CA LYS A 186 -30.51 -11.76 7.48
C LYS A 186 -31.76 -10.87 7.31
N GLY A 187 -32.92 -11.35 7.76
CA GLY A 187 -34.14 -10.53 7.73
C GLY A 187 -34.75 -10.35 6.35
N GLN A 188 -34.54 -11.31 5.45
CA GLN A 188 -35.03 -11.21 4.07
C GLN A 188 -35.88 -12.43 3.71
N VAL A 189 -36.97 -12.21 2.98
CA VAL A 189 -37.88 -13.28 2.57
C VAL A 189 -38.30 -13.01 1.13
N ARG A 190 -37.99 -13.96 0.25
CA ARG A 190 -38.47 -13.93 -1.13
C ARG A 190 -39.98 -14.19 -1.15
N VAL A 191 -40.70 -13.31 -1.82
CA VAL A 191 -42.16 -13.38 -1.92
C VAL A 191 -42.65 -13.09 -3.35
N SER A 192 -43.72 -13.77 -3.78
CA SER A 192 -44.27 -13.66 -5.12
C SER A 192 -45.68 -13.05 -5.23
N THR A 193 -46.49 -13.22 -4.20
CA THR A 193 -47.87 -12.76 -4.20
C THR A 193 -48.08 -11.83 -3.01
N ALA A 194 -49.16 -11.05 -3.08
CA ALA A 194 -49.55 -10.17 -1.99
C ALA A 194 -49.76 -10.96 -0.70
N ARG A 195 -50.41 -12.10 -0.80
CA ARG A 195 -50.58 -12.99 0.36
C ARG A 195 -49.23 -13.41 0.98
N GLU A 196 -48.28 -13.82 0.12
CA GLU A 196 -46.95 -14.23 0.63
C GLU A 196 -46.24 -13.05 1.30
N ALA A 197 -46.41 -11.86 0.72
CA ALA A 197 -45.85 -10.64 1.29
C ALA A 197 -46.40 -10.33 2.68
N ARG A 198 -47.74 -10.45 2.81
CA ARG A 198 -48.39 -10.20 4.09
C ARG A 198 -47.96 -11.25 5.12
N ASP A 199 -47.90 -12.52 4.71
CA ASP A 199 -47.47 -13.57 5.62
C ASP A 199 -46.00 -13.42 6.07
N ALA A 200 -45.14 -12.95 5.15
CA ALA A 200 -43.74 -12.71 5.47
C ALA A 200 -43.58 -11.60 6.48
N HIS A 201 -44.37 -10.55 6.33
CA HIS A 201 -44.30 -9.46 7.28
C HIS A 201 -44.70 -9.93 8.68
N ALA A 202 -45.73 -10.77 8.76
CA ALA A 202 -46.20 -11.28 10.02
C ALA A 202 -45.20 -12.26 10.63
N ALA A 203 -44.54 -13.04 9.76
CA ALA A 203 -43.46 -13.93 10.18
C ALA A 203 -42.30 -13.22 10.85
N LEU A 204 -42.02 -12.01 10.40
CA LEU A 204 -40.95 -11.20 10.97
C LEU A 204 -41.41 -10.36 12.18
N GLY A 205 -42.66 -10.55 12.61
CA GLY A 205 -43.17 -9.84 13.78
C GLY A 205 -43.69 -8.44 13.50
N GLY A 206 -43.85 -8.09 12.23
CA GLY A 206 -44.50 -6.84 11.91
C GLY A 206 -43.58 -5.63 12.01
N VAL A 207 -42.27 -5.86 12.01
CA VAL A 207 -41.28 -4.78 12.13
C VAL A 207 -41.17 -3.96 10.84
N PRO A 208 -40.59 -2.75 10.91
CA PRO A 208 -40.43 -2.01 9.70
C PRO A 208 -39.57 -2.71 8.65
N CYS A 209 -40.07 -2.68 7.43
CA CYS A 209 -39.48 -3.37 6.27
C CYS A 209 -39.63 -2.54 5.01
N VAL A 210 -38.81 -2.89 4.01
CA VAL A 210 -39.01 -2.45 2.62
CA VAL A 210 -39.03 -2.45 2.63
C VAL A 210 -39.32 -3.69 1.80
N LEU A 211 -40.27 -3.60 0.89
CA LEU A 211 -40.55 -4.67 -0.08
C LEU A 211 -39.98 -4.21 -1.42
N GLU A 212 -38.91 -4.85 -1.86
CA GLU A 212 -38.16 -4.43 -3.08
C GLU A 212 -38.53 -5.31 -4.26
N LYS A 213 -38.97 -4.69 -5.36
CA LYS A 213 -39.30 -5.45 -6.54
C LYS A 213 -38.09 -6.14 -7.19
N ARG A 214 -38.27 -7.37 -7.61
CA ARG A 214 -37.26 -8.05 -8.41
C ARG A 214 -37.33 -7.47 -9.81
N LEU A 215 -36.20 -6.94 -10.28
CA LEU A 215 -36.19 -6.15 -11.48
C LEU A 215 -35.54 -6.94 -12.59
N PRO A 216 -35.82 -6.55 -13.85
CA PRO A 216 -35.13 -7.12 -15.01
C PRO A 216 -33.77 -6.47 -15.20
N LEU A 217 -32.84 -6.97 -14.42
CA LEU A 217 -31.53 -6.41 -14.33
C LEU A 217 -30.71 -6.72 -15.58
N LYS A 218 -30.02 -5.71 -16.09
CA LYS A 218 -29.06 -5.92 -17.15
C LYS A 218 -27.65 -6.00 -16.57
N TYR A 219 -27.27 -4.99 -15.78
CA TYR A 219 -25.98 -5.04 -15.06
C TYR A 219 -26.06 -4.15 -13.82
N GLU A 220 -25.10 -4.34 -12.91
CA GLU A 220 -24.98 -3.57 -11.69
C GLU A 220 -23.73 -2.74 -11.70
N VAL A 221 -23.81 -1.55 -11.13
CA VAL A 221 -22.62 -0.68 -11.04
C VAL A 221 -22.58 0.00 -9.68
N SER A 222 -21.37 0.38 -9.27
CA SER A 222 -21.23 1.24 -8.09
C SER A 222 -20.36 2.47 -8.41
N ALA A 223 -20.82 3.60 -7.91
CA ALA A 223 -20.04 4.85 -7.91
C ALA A 223 -19.40 4.99 -6.56
N LEU A 224 -18.21 5.52 -6.56
CA LEU A 224 -17.40 5.63 -5.34
C LEU A 224 -16.80 7.05 -5.37
N ILE A 225 -17.16 7.85 -4.40
CA ILE A 225 -16.72 9.25 -4.36
C ILE A 225 -16.22 9.59 -2.97
N ALA A 226 -15.34 10.59 -2.90
CA ALA A 226 -14.91 11.16 -1.63
C ALA A 226 -15.37 12.61 -1.61
N ARG A 227 -15.85 13.06 -0.45
CA ARG A 227 -16.26 14.44 -0.26
C ARG A 227 -15.64 14.97 1.02
N GLY A 228 -15.15 16.18 0.93
CA GLY A 228 -14.47 16.84 2.05
C GLY A 228 -15.34 17.79 2.82
N ALA A 229 -14.82 18.24 3.95
CA ALA A 229 -15.53 19.20 4.80
C ALA A 229 -15.77 20.53 4.08
N ASP A 230 -14.89 20.90 3.15
CA ASP A 230 -15.04 22.10 2.31
C ASP A 230 -16.03 21.95 1.15
N GLY A 231 -16.68 20.78 1.05
CA GLY A 231 -17.63 20.49 0.00
C GLY A 231 -17.09 20.08 -1.35
N ARG A 232 -15.77 19.93 -1.47
CA ARG A 232 -15.16 19.50 -2.69
C ARG A 232 -15.26 17.99 -2.74
N SER A 233 -15.38 17.43 -3.93
CA SER A 233 -15.45 15.98 -4.08
CA SER A 233 -15.49 15.99 -4.10
C SER A 233 -14.52 15.49 -5.18
N ALA A 234 -14.26 14.18 -5.17
CA ALA A 234 -13.41 13.51 -6.16
C ALA A 234 -14.05 12.14 -6.43
N ALA A 235 -14.35 11.86 -7.70
CA ALA A 235 -15.03 10.62 -8.10
C ALA A 235 -14.07 9.65 -8.77
N PHE A 236 -14.10 8.39 -8.33
CA PHE A 236 -13.45 7.30 -9.06
C PHE A 236 -14.24 6.94 -10.30
N PRO A 237 -13.64 6.10 -11.16
CA PRO A 237 -14.41 5.57 -12.28
C PRO A 237 -15.60 4.72 -11.82
N LEU A 238 -16.48 4.37 -12.76
CA LEU A 238 -17.61 3.52 -12.47
C LEU A 238 -17.22 2.02 -12.46
N ALA A 239 -17.57 1.29 -11.40
CA ALA A 239 -17.24 -0.12 -11.26
C ALA A 239 -18.46 -0.93 -11.67
N GLN A 240 -18.22 -1.98 -12.43
CA GLN A 240 -19.28 -2.95 -12.72
C GLN A 240 -19.10 -4.15 -11.80
N ASN A 241 -20.20 -4.54 -11.15
CA ASN A 241 -20.20 -5.55 -10.08
C ASN A 241 -21.08 -6.74 -10.43
N VAL A 242 -20.53 -7.93 -10.18
CA VAL A 242 -21.26 -9.18 -10.37
C VAL A 242 -21.37 -9.85 -8.99
N HIS A 243 -22.60 -10.09 -8.57
CA HIS A 243 -22.91 -10.80 -7.33
C HIS A 243 -23.32 -12.24 -7.63
N HIS A 244 -22.98 -13.12 -6.70
CA HIS A 244 -23.44 -14.53 -6.78
C HIS A 244 -23.73 -14.97 -5.38
N ASN A 245 -24.87 -15.67 -5.21
CA ASN A 245 -25.23 -16.16 -3.85
C ASN A 245 -25.27 -15.01 -2.83
N GLY A 246 -25.69 -13.83 -3.30
CA GLY A 246 -25.91 -12.67 -2.44
C GLY A 246 -24.65 -11.95 -2.00
N ILE A 247 -23.50 -12.32 -2.59
CA ILE A 247 -22.20 -11.76 -2.18
C ILE A 247 -21.46 -11.27 -3.44
N LEU A 248 -20.77 -10.13 -3.31
CA LEU A 248 -19.96 -9.63 -4.40
C LEU A 248 -18.90 -10.65 -4.79
N ALA A 249 -18.84 -10.96 -6.08
CA ALA A 249 -17.87 -11.92 -6.62
C ALA A 249 -16.78 -11.32 -7.47
N LEU A 250 -17.17 -10.43 -8.37
CA LEU A 250 -16.25 -9.87 -9.35
C LEU A 250 -16.60 -8.39 -9.63
N THR A 251 -15.57 -7.53 -9.63
CA THR A 251 -15.70 -6.11 -10.00
C THR A 251 -14.73 -5.86 -11.17
N ILE A 252 -15.19 -5.09 -12.15
CA ILE A 252 -14.41 -4.74 -13.34
C ILE A 252 -14.49 -3.21 -13.51
N VAL A 253 -13.33 -2.56 -13.70
CA VAL A 253 -13.24 -1.10 -13.78
C VAL A 253 -12.26 -0.71 -14.88
N PRO A 254 -12.63 0.20 -15.79
CA PRO A 254 -13.96 0.85 -15.89
C PRO A 254 -15.04 -0.16 -16.30
N ALA A 255 -16.28 0.09 -15.85
CA ALA A 255 -17.43 -0.74 -16.17
C ALA A 255 -17.54 -0.99 -17.70
N PRO A 256 -17.50 -2.27 -18.13
CA PRO A 256 -17.57 -2.47 -19.58
C PRO A 256 -18.86 -2.01 -20.27
N ALA A 257 -19.96 -2.11 -19.55
CA ALA A 257 -21.29 -1.82 -20.14
C ALA A 257 -21.69 -0.38 -20.10
N ALA A 258 -20.95 0.48 -19.41
CA ALA A 258 -21.35 1.89 -19.22
C ALA A 258 -20.60 2.83 -20.14
N ASP A 259 -21.34 3.61 -20.92
CA ASP A 259 -20.71 4.63 -21.75
C ASP A 259 -20.41 5.88 -20.96
N THR A 260 -19.77 6.87 -21.61
CA THR A 260 -19.34 8.07 -20.90
C THR A 260 -20.50 8.76 -20.20
N ALA A 261 -21.67 8.80 -20.84
CA ALA A 261 -22.79 9.52 -20.23
C ALA A 261 -23.24 8.78 -18.96
N ARG A 262 -23.22 7.46 -19.02
CA ARG A 262 -23.64 6.66 -17.85
C ARG A 262 -22.67 6.86 -16.67
N VAL A 263 -21.37 6.94 -16.95
CA VAL A 263 -20.36 7.12 -15.93
C VAL A 263 -20.61 8.44 -15.23
N GLU A 264 -20.77 9.48 -16.03
CA GLU A 264 -21.04 10.82 -15.49
C GLU A 264 -22.32 10.90 -14.69
N GLU A 265 -23.36 10.31 -15.23
CA GLU A 265 -24.66 10.23 -14.53
C GLU A 265 -24.51 9.61 -13.13
N ALA A 266 -23.82 8.47 -13.07
CA ALA A 266 -23.65 7.77 -11.79
C ALA A 266 -22.78 8.55 -10.78
N GLN A 267 -21.68 9.07 -11.25
CA GLN A 267 -20.81 9.91 -10.40
C GLN A 267 -21.57 11.12 -9.87
N GLN A 268 -22.30 11.81 -10.76
CA GLN A 268 -23.03 13.02 -10.31
C GLN A 268 -24.14 12.66 -9.33
N ALA A 269 -24.76 11.50 -9.52
CA ALA A 269 -25.79 11.06 -8.58
C ALA A 269 -25.21 10.81 -7.19
N ALA A 270 -24.05 10.17 -7.13
CA ALA A 270 -23.37 9.92 -5.85
C ALA A 270 -22.94 11.20 -5.17
N VAL A 271 -22.37 12.13 -5.93
CA VAL A 271 -22.00 13.45 -5.38
C VAL A 271 -23.25 14.19 -4.90
N ARG A 272 -24.36 14.14 -5.64
CA ARG A 272 -25.61 14.80 -5.23
CA ARG A 272 -25.61 14.80 -5.23
C ARG A 272 -26.08 14.26 -3.88
N ILE A 273 -26.04 12.95 -3.71
CA ILE A 273 -26.43 12.36 -2.42
C ILE A 273 -25.50 12.82 -1.28
N ALA A 274 -24.17 12.79 -1.54
CA ALA A 274 -23.19 13.20 -0.56
C ALA A 274 -23.37 14.69 -0.18
N ASP A 275 -23.62 15.53 -1.17
CA ASP A 275 -23.85 16.97 -0.90
C ASP A 275 -25.11 17.15 -0.05
N THR A 276 -26.19 16.43 -0.39
CA THR A 276 -27.44 16.56 0.33
C THR A 276 -27.32 16.08 1.77
N LEU A 277 -26.49 15.05 1.97
CA LEU A 277 -26.23 14.46 3.29
C LEU A 277 -25.28 15.33 4.14
N GLY A 278 -24.54 16.27 3.53
CA GLY A 278 -23.43 16.94 4.19
C GLY A 278 -22.37 15.93 4.62
N TYR A 279 -22.12 15.02 3.71
CA TYR A 279 -21.26 13.85 3.99
C TYR A 279 -19.77 14.19 3.86
N VAL A 280 -18.95 13.80 4.84
CA VAL A 280 -17.49 13.95 4.78
C VAL A 280 -16.88 12.56 4.91
N GLY A 281 -16.27 12.09 3.83
CA GLY A 281 -15.69 10.74 3.81
C GLY A 281 -15.83 10.12 2.44
N VAL A 282 -15.72 8.79 2.39
CA VAL A 282 -15.90 7.99 1.18
C VAL A 282 -17.28 7.38 1.16
N LEU A 283 -18.03 7.59 0.07
CA LEU A 283 -19.40 7.10 -0.09
C LEU A 283 -19.49 6.19 -1.28
N CYS A 284 -20.08 4.99 -1.12
CA CYS A 284 -20.28 4.10 -2.28
C CYS A 284 -21.77 3.96 -2.53
N VAL A 285 -22.21 4.28 -3.76
CA VAL A 285 -23.64 4.15 -4.09
C VAL A 285 -23.75 3.06 -5.14
N GLU A 286 -24.65 2.12 -4.87
CA GLU A 286 -24.85 0.98 -5.79
C GLU A 286 -26.13 1.18 -6.56
N PHE A 287 -26.04 0.90 -7.87
CA PHE A 287 -27.15 1.08 -8.77
C PHE A 287 -27.44 -0.17 -9.62
N PHE A 288 -28.63 -0.17 -10.23
CA PHE A 288 -29.04 -1.15 -11.22
C PHE A 288 -29.25 -0.44 -12.54
N VAL A 289 -28.79 -1.09 -13.60
CA VAL A 289 -29.21 -0.70 -14.96
C VAL A 289 -30.12 -1.84 -15.46
N LEU A 290 -31.34 -1.45 -15.86
CA LEU A 290 -32.35 -2.43 -16.25
C LEU A 290 -32.33 -2.67 -17.78
N GLU A 291 -33.02 -3.72 -18.19
CA GLU A 291 -33.10 -4.09 -19.58
CA GLU A 291 -33.09 -4.10 -19.58
C GLU A 291 -33.61 -2.95 -20.45
N ASP A 292 -34.53 -2.16 -19.89
CA ASP A 292 -35.10 -1.02 -20.68
C ASP A 292 -34.23 0.22 -20.65
N GLY A 293 -33.09 0.15 -19.94
CA GLY A 293 -32.14 1.26 -19.86
C GLY A 293 -32.35 2.12 -18.63
N SER A 294 -33.38 1.86 -17.81
CA SER A 294 -33.60 2.60 -16.56
C SER A 294 -32.34 2.47 -15.67
N PHE A 295 -31.97 3.57 -15.03
CA PHE A 295 -30.85 3.62 -14.08
C PHE A 295 -31.41 4.03 -12.73
N VAL A 296 -31.30 3.14 -11.74
CA VAL A 296 -31.89 3.38 -10.42
C VAL A 296 -30.88 3.08 -9.30
N ALA A 297 -30.92 3.89 -8.26
CA ALA A 297 -30.09 3.64 -7.08
C ALA A 297 -30.79 2.71 -6.16
N ASN A 298 -30.01 1.87 -5.52
CA ASN A 298 -30.57 0.95 -4.57
C ASN A 298 -30.11 1.11 -3.13
N GLU A 299 -28.80 1.34 -2.92
CA GLU A 299 -28.32 1.48 -1.54
C GLU A 299 -27.00 2.22 -1.54
N MET A 300 -26.58 2.66 -0.35
CA MET A 300 -25.31 3.31 -0.18
C MET A 300 -24.58 2.85 1.09
N ALA A 301 -23.27 2.91 1.04
CA ALA A 301 -22.38 2.50 2.16
C ALA A 301 -21.57 3.71 2.57
N PRO A 302 -21.62 4.06 3.86
CA PRO A 302 -20.97 5.25 4.39
C PRO A 302 -19.51 4.97 4.76
N ARG A 303 -18.74 4.51 3.80
CA ARG A 303 -17.39 4.00 4.04
C ARG A 303 -16.81 3.54 2.75
N PRO A 304 -15.48 3.33 2.71
CA PRO A 304 -14.91 2.49 1.69
C PRO A 304 -15.69 1.18 1.54
N HIS A 305 -15.67 0.62 0.34
CA HIS A 305 -16.54 -0.51 -0.01
C HIS A 305 -15.78 -1.59 -0.71
N ASN A 306 -16.24 -2.84 -0.59
CA ASN A 306 -15.59 -3.96 -1.26
C ASN A 306 -15.42 -3.73 -2.78
N SER A 307 -16.36 -3.07 -3.43
CA SER A 307 -16.28 -2.79 -4.86
C SER A 307 -15.22 -1.74 -5.19
N GLY A 308 -14.63 -1.11 -4.18
CA GLY A 308 -13.54 -0.15 -4.33
C GLY A 308 -12.12 -0.65 -4.07
N HIS A 309 -11.96 -1.92 -3.72
CA HIS A 309 -10.62 -2.38 -3.38
C HIS A 309 -9.66 -2.31 -4.56
N TYR A 310 -10.17 -2.39 -5.79
CA TYR A 310 -9.32 -2.27 -6.96
C TYR A 310 -8.50 -0.98 -6.95
N THR A 311 -9.04 0.08 -6.30
CA THR A 311 -8.32 1.35 -6.29
C THR A 311 -6.91 1.32 -5.70
N VAL A 312 -6.64 0.33 -4.85
CA VAL A 312 -5.34 0.23 -4.17
C VAL A 312 -4.26 -0.07 -5.19
N ASP A 313 -4.64 -0.84 -6.22
CA ASP A 313 -3.65 -1.25 -7.21
C ASP A 313 -3.82 -0.57 -8.56
N ALA A 314 -4.96 0.10 -8.78
CA ALA A 314 -5.28 0.63 -10.13
C ALA A 314 -5.30 2.13 -10.24
N CYS A 315 -5.38 2.82 -9.12
CA CYS A 315 -5.55 4.28 -9.11
C CYS A 315 -4.42 5.00 -8.39
N ALA A 316 -4.28 6.28 -8.70
CA ALA A 316 -3.23 7.10 -8.12
C ALA A 316 -3.44 7.27 -6.63
N THR A 317 -4.69 7.34 -6.20
CA THR A 317 -5.07 7.43 -4.77
C THR A 317 -6.10 6.33 -4.51
N SER A 318 -5.94 5.56 -3.45
CA SER A 318 -6.92 4.53 -3.14
C SER A 318 -8.10 5.09 -2.37
N GLN A 319 -9.16 4.30 -2.28
CA GLN A 319 -10.29 4.72 -1.44
C GLN A 319 -9.91 4.90 0.02
N PHE A 320 -8.92 4.15 0.46
CA PHE A 320 -8.47 4.30 1.85
C PHE A 320 -7.70 5.58 2.10
N GLU A 321 -6.86 5.95 1.14
CA GLU A 321 -6.19 7.25 1.18
CA GLU A 321 -6.19 7.23 1.22
C GLU A 321 -7.20 8.36 1.17
N GLN A 322 -8.26 8.22 0.37
CA GLN A 322 -9.29 9.26 0.40
C GLN A 322 -10.01 9.35 1.74
N GLN A 323 -10.23 8.22 2.41
CA GLN A 323 -10.80 8.26 3.79
C GLN A 323 -9.89 9.02 4.74
N VAL A 324 -8.58 8.81 4.62
CA VAL A 324 -7.60 9.59 5.44
C VAL A 324 -7.70 11.07 5.12
N ARG A 325 -7.66 11.43 3.83
CA ARG A 325 -7.71 12.83 3.43
C ARG A 325 -8.99 13.52 3.87
N ALA A 326 -10.14 12.86 3.70
CA ALA A 326 -11.39 13.48 4.05
C ALA A 326 -11.49 13.75 5.55
N MET A 327 -11.07 12.78 6.36
CA MET A 327 -11.25 12.91 7.81
C MET A 327 -10.24 13.91 8.40
N THR A 328 -9.15 14.17 7.69
CA THR A 328 -8.08 15.11 8.13
C THR A 328 -8.24 16.49 7.52
N ARG A 329 -9.31 16.70 6.75
CA ARG A 329 -9.52 18.00 6.07
C ARG A 329 -8.31 18.38 5.22
N MET A 330 -7.65 17.35 4.68
CA MET A 330 -6.56 17.51 3.73
C MET A 330 -7.14 17.50 2.31
N PRO A 331 -6.41 18.05 1.33
CA PRO A 331 -6.90 18.00 -0.04
C PRO A 331 -7.15 16.57 -0.49
N LEU A 332 -8.21 16.34 -1.25
CA LEU A 332 -8.51 15.00 -1.75
C LEU A 332 -7.47 14.63 -2.79
N GLY A 333 -7.20 13.34 -2.90
CA GLY A 333 -6.24 12.83 -3.86
C GLY A 333 -6.79 12.74 -5.27
N ASN A 334 -5.87 12.61 -6.21
CA ASN A 334 -6.21 12.38 -7.64
C ASN A 334 -6.71 10.93 -7.80
N PRO A 335 -7.93 10.73 -8.32
CA PRO A 335 -8.50 9.38 -8.45
C PRO A 335 -8.11 8.66 -9.76
N ARG A 336 -7.22 9.27 -10.57
CA ARG A 336 -6.82 8.76 -11.88
C ARG A 336 -6.56 7.26 -11.84
N GLN A 337 -7.21 6.55 -12.76
CA GLN A 337 -6.95 5.15 -12.97
C GLN A 337 -5.83 5.01 -13.96
N HIS A 338 -4.70 4.49 -13.50
CA HIS A 338 -3.56 4.22 -14.39
C HIS A 338 -3.67 2.94 -15.15
N SER A 339 -4.43 1.96 -14.65
CA SER A 339 -4.49 0.64 -15.27
C SER A 339 -5.91 0.07 -15.14
N PRO A 340 -6.47 -0.47 -16.20
CA PRO A 340 -7.67 -1.29 -16.14
C PRO A 340 -7.51 -2.45 -15.16
N ALA A 341 -8.61 -2.80 -14.50
CA ALA A 341 -8.59 -3.66 -13.36
C ALA A 341 -9.81 -4.55 -13.21
N ALA A 342 -9.60 -5.66 -12.52
CA ALA A 342 -10.67 -6.52 -12.04
C ALA A 342 -10.31 -6.97 -10.63
N MET A 343 -11.32 -7.29 -9.83
CA MET A 343 -11.13 -7.79 -8.47
C MET A 343 -11.98 -9.01 -8.30
N LEU A 344 -11.38 -10.06 -7.77
CA LEU A 344 -12.05 -11.30 -7.38
C LEU A 344 -12.04 -11.40 -5.87
N ASN A 345 -13.21 -11.53 -5.26
CA ASN A 345 -13.27 -11.78 -3.83
C ASN A 345 -12.83 -13.19 -3.47
N ILE A 346 -12.20 -13.33 -2.31
CA ILE A 346 -11.80 -14.64 -1.75
C ILE A 346 -12.56 -14.89 -0.47
N LEU A 347 -13.53 -15.79 -0.53
CA LEU A 347 -14.31 -16.20 0.64
C LEU A 347 -13.65 -17.40 1.30
N GLY A 348 -14.03 -17.65 2.54
CA GLY A 348 -13.52 -18.83 3.28
C GLY A 348 -13.86 -20.14 2.59
N ASP A 349 -14.91 -20.12 1.79
CA ASP A 349 -15.31 -21.28 1.00
C ASP A 349 -14.16 -21.88 0.20
N VAL A 350 -13.23 -21.04 -0.24
CA VAL A 350 -12.10 -21.48 -1.09
C VAL A 350 -11.24 -22.52 -0.37
N TRP A 351 -11.26 -22.50 0.97
CA TRP A 351 -10.53 -23.46 1.80
C TRP A 351 -11.23 -24.80 1.96
N PHE A 352 -12.45 -24.93 1.45
CA PHE A 352 -13.27 -26.14 1.71
C PHE A 352 -13.73 -26.81 0.41
N PRO A 353 -12.76 -27.20 -0.43
CA PRO A 353 -13.14 -27.75 -1.72
C PRO A 353 -13.86 -29.11 -1.60
N ASN A 354 -13.69 -29.78 -0.46
CA ASN A 354 -14.36 -31.06 -0.23
C ASN A 354 -15.63 -30.92 0.63
N GLY A 355 -16.11 -29.68 0.77
CA GLY A 355 -17.24 -29.37 1.62
C GLY A 355 -16.83 -28.83 2.96
N ALA A 356 -17.74 -28.07 3.56
CA ALA A 356 -17.49 -27.35 4.80
C ALA A 356 -17.15 -28.29 5.95
N ALA A 357 -17.78 -29.46 5.97
CA ALA A 357 -17.54 -30.43 7.03
C ALA A 357 -16.21 -31.18 6.89
N ALA A 358 -15.68 -31.25 5.67
CA ALA A 358 -14.55 -32.13 5.33
C ALA A 358 -13.18 -31.57 5.71
N GLY A 359 -13.11 -30.30 6.09
CA GLY A 359 -11.85 -29.78 6.63
C GLY A 359 -10.98 -29.02 5.64
N ALA A 360 -10.20 -28.11 6.18
CA ALA A 360 -9.56 -27.05 5.42
C ALA A 360 -8.41 -27.54 4.55
N VAL A 361 -8.33 -26.94 3.36
CA VAL A 361 -7.21 -27.14 2.45
C VAL A 361 -6.66 -25.75 2.09
N THR A 362 -5.39 -25.49 2.38
CA THR A 362 -4.78 -24.21 2.06
C THR A 362 -4.81 -23.96 0.55
N PRO A 363 -5.31 -22.78 0.13
CA PRO A 363 -5.36 -22.56 -1.31
C PRO A 363 -3.96 -22.37 -1.94
N PRO A 364 -3.85 -22.51 -3.26
CA PRO A 364 -2.56 -22.45 -3.93
C PRO A 364 -2.11 -21.00 -4.17
N TRP A 365 -1.78 -20.30 -3.10
CA TRP A 365 -1.40 -18.90 -3.24
C TRP A 365 -0.17 -18.71 -4.08
N ASP A 366 0.77 -19.67 -4.08
CA ASP A 366 1.90 -19.60 -5.01
C ASP A 366 1.48 -19.56 -6.49
N THR A 367 0.51 -20.38 -6.85
CA THR A 367 0.01 -20.40 -8.23
C THR A 367 -0.66 -19.04 -8.55
N VAL A 368 -1.39 -18.49 -7.59
CA VAL A 368 -1.97 -17.13 -7.79
C VAL A 368 -0.87 -16.08 -7.96
N ALA A 369 0.12 -16.12 -7.08
CA ALA A 369 1.26 -15.18 -7.12
C ALA A 369 2.05 -15.28 -8.42
N ALA A 370 2.01 -16.43 -9.10
CA ALA A 370 2.66 -16.55 -10.40
C ALA A 370 1.96 -15.84 -11.55
N MET A 371 0.72 -15.41 -11.33
CA MET A 371 -0.05 -14.74 -12.38
C MET A 371 0.45 -13.31 -12.49
N PRO A 372 0.94 -12.89 -13.66
CA PRO A 372 1.55 -11.57 -13.73
C PRO A 372 0.61 -10.40 -13.42
N ALA A 373 -0.67 -10.56 -13.63
CA ALA A 373 -1.62 -9.48 -13.39
C ALA A 373 -2.05 -9.37 -11.94
N ALA A 374 -1.79 -10.40 -11.14
CA ALA A 374 -2.43 -10.52 -9.82
C ALA A 374 -1.75 -9.71 -8.74
N HIS A 375 -2.57 -9.15 -7.84
CA HIS A 375 -2.11 -8.56 -6.61
C HIS A 375 -2.86 -9.24 -5.49
N LEU A 376 -2.18 -10.02 -4.67
CA LEU A 376 -2.87 -10.83 -3.65
C LEU A 376 -3.02 -10.05 -2.34
N HIS A 377 -4.24 -9.89 -1.82
CA HIS A 377 -4.51 -9.22 -0.58
C HIS A 377 -5.18 -10.21 0.36
N LEU A 378 -4.49 -10.61 1.40
CA LEU A 378 -5.09 -11.51 2.41
C LEU A 378 -5.12 -10.80 3.74
N TYR A 379 -6.23 -10.92 4.44
CA TYR A 379 -6.59 -10.00 5.54
C TYR A 379 -6.11 -10.40 6.91
N GLY A 380 -5.44 -11.53 7.02
CA GLY A 380 -4.92 -11.93 8.34
C GLY A 380 -5.99 -12.45 9.29
N LYS A 381 -7.12 -12.93 8.76
CA LYS A 381 -8.15 -13.52 9.61
C LYS A 381 -7.79 -14.95 9.93
N GLU A 382 -8.06 -15.34 11.18
CA GLU A 382 -7.57 -16.59 11.72
C GLU A 382 -8.35 -17.78 11.16
N GLU A 383 -9.67 -17.70 11.15
CA GLU A 383 -10.50 -18.85 10.77
C GLU A 383 -11.26 -18.63 9.44
N ALA A 384 -10.98 -19.49 8.45
CA ALA A 384 -11.79 -19.55 7.22
C ALA A 384 -13.16 -20.11 7.55
N ARG A 385 -14.21 -19.38 7.21
CA ARG A 385 -15.55 -19.82 7.38
C ARG A 385 -16.31 -19.56 6.08
N VAL A 386 -17.30 -20.40 5.81
CA VAL A 386 -18.18 -20.17 4.69
C VAL A 386 -18.82 -18.80 4.73
N GLY A 387 -18.74 -18.11 3.59
CA GLY A 387 -19.32 -16.77 3.43
C GLY A 387 -18.48 -15.65 3.99
N ARG A 388 -17.37 -15.99 4.64
CA ARG A 388 -16.52 -14.95 5.26
C ARG A 388 -15.52 -14.42 4.27
N LYS A 389 -15.37 -13.09 4.22
CA LYS A 389 -14.42 -12.46 3.30
C LYS A 389 -13.02 -12.53 3.87
N MET A 390 -12.18 -13.34 3.24
CA MET A 390 -10.80 -13.61 3.73
C MET A 390 -9.70 -12.81 3.02
N GLY A 391 -10.04 -12.35 1.83
CA GLY A 391 -9.10 -11.61 1.02
C GLY A 391 -9.72 -11.20 -0.29
N HIS A 392 -8.90 -10.63 -1.17
CA HIS A 392 -9.28 -10.40 -2.57
C HIS A 392 -8.05 -10.44 -3.44
N VAL A 393 -8.21 -10.66 -4.74
CA VAL A 393 -7.15 -10.57 -5.66
C VAL A 393 -7.50 -9.50 -6.67
N ASN A 394 -6.69 -8.45 -6.75
CA ASN A 394 -6.85 -7.44 -7.79
C ASN A 394 -6.04 -7.91 -8.97
N PHE A 395 -6.51 -7.61 -10.17
CA PHE A 395 -5.79 -7.91 -11.41
C PHE A 395 -5.67 -6.61 -12.19
N THR A 396 -4.45 -6.20 -12.56
CA THR A 396 -4.24 -5.04 -13.42
C THR A 396 -3.47 -5.45 -14.66
N ALA A 397 -3.73 -4.77 -15.76
CA ALA A 397 -3.04 -5.02 -17.02
C ALA A 397 -3.13 -3.76 -17.84
N GLU A 398 -2.32 -3.68 -18.92
CA GLU A 398 -2.44 -2.56 -19.84
CA GLU A 398 -2.44 -2.57 -19.83
C GLU A 398 -3.83 -2.54 -20.46
N MET A 399 -4.33 -3.73 -20.82
CA MET A 399 -5.64 -3.89 -21.44
C MET A 399 -6.64 -4.56 -20.52
N ARG A 400 -7.83 -3.99 -20.46
CA ARG A 400 -8.90 -4.48 -19.60
C ARG A 400 -9.24 -5.96 -19.83
N ASP A 401 -9.27 -6.39 -21.11
CA ASP A 401 -9.60 -7.76 -21.38
C ASP A 401 -8.62 -8.74 -20.72
N ASP A 402 -7.37 -8.33 -20.62
CA ASP A 402 -6.38 -9.19 -20.01
C ASP A 402 -6.56 -9.25 -18.49
N ALA A 403 -6.94 -8.13 -17.86
CA ALA A 403 -7.21 -8.19 -16.42
C ALA A 403 -8.42 -9.07 -16.13
N VAL A 404 -9.45 -8.95 -16.96
CA VAL A 404 -10.66 -9.75 -16.80
C VAL A 404 -10.37 -11.24 -17.03
N ALA A 405 -9.57 -11.52 -18.05
CA ALA A 405 -9.24 -12.92 -18.34
C ALA A 405 -8.47 -13.55 -17.19
N ALA A 406 -7.59 -12.78 -16.56
CA ALA A 406 -6.84 -13.28 -15.42
C ALA A 406 -7.75 -13.55 -14.23
N ALA A 407 -8.64 -12.60 -13.92
CA ALA A 407 -9.60 -12.82 -12.83
C ALA A 407 -10.46 -14.07 -13.09
N THR A 408 -10.88 -14.26 -14.33
CA THR A 408 -11.72 -15.41 -14.67
C THR A 408 -10.98 -16.73 -14.54
N ALA A 409 -9.73 -16.76 -14.99
CA ALA A 409 -8.85 -17.94 -14.80
C ALA A 409 -8.59 -18.25 -13.33
N CYS A 410 -8.36 -17.22 -12.52
CA CYS A 410 -8.14 -17.41 -11.10
C CYS A 410 -9.41 -17.97 -10.43
N ALA A 411 -10.59 -17.49 -10.82
CA ALA A 411 -11.86 -18.00 -10.30
C ALA A 411 -12.03 -19.48 -10.65
N GLN A 412 -11.66 -19.87 -11.86
CA GLN A 412 -11.67 -21.28 -12.23
C GLN A 412 -10.69 -22.10 -11.37
N LEU A 413 -9.45 -21.64 -11.22
CA LEU A 413 -8.45 -22.31 -10.38
C LEU A 413 -8.97 -22.54 -8.96
N LEU A 414 -9.51 -21.49 -8.37
CA LEU A 414 -9.97 -21.53 -6.97
C LEU A 414 -11.39 -22.10 -6.79
N ARG A 415 -12.05 -22.46 -7.88
CA ARG A 415 -13.39 -23.06 -7.82
C ARG A 415 -14.43 -22.06 -7.29
N VAL A 416 -14.29 -20.81 -7.68
CA VAL A 416 -15.18 -19.72 -7.28
C VAL A 416 -16.23 -19.51 -8.40
N PRO A 417 -17.50 -19.81 -8.12
CA PRO A 417 -18.48 -19.55 -9.17
C PRO A 417 -18.79 -18.07 -9.32
N LEU A 418 -18.87 -17.60 -10.56
CA LEU A 418 -19.24 -16.18 -10.85
C LEU A 418 -20.68 -16.03 -11.35
N ASP A 419 -21.33 -17.15 -11.64
CA ASP A 419 -22.74 -17.15 -12.06
C ASP A 419 -23.25 -18.58 -11.94
N SER B 30 10.60 -25.11 -1.42
CA SER B 30 9.11 -24.94 -1.50
C SER B 30 8.66 -23.62 -0.89
N PRO B 31 7.48 -23.13 -1.30
CA PRO B 31 7.11 -21.77 -0.89
C PRO B 31 6.62 -21.63 0.56
N ILE B 32 6.90 -20.48 1.14
CA ILE B 32 6.39 -20.11 2.46
C ILE B 32 5.18 -19.19 2.20
N LEU B 33 4.01 -19.74 2.48
CA LEU B 33 2.76 -19.11 2.04
C LEU B 33 2.22 -18.09 3.02
N PRO B 34 1.32 -17.22 2.54
CA PRO B 34 0.69 -16.21 3.39
C PRO B 34 0.22 -16.73 4.75
N GLY B 35 0.37 -15.92 5.78
CA GLY B 35 0.07 -16.31 7.15
C GLY B 35 1.32 -16.60 7.96
N ALA B 36 2.40 -16.95 7.28
CA ALA B 36 3.69 -17.20 7.91
C ALA B 36 4.27 -15.92 8.54
N TRP B 37 5.08 -16.09 9.57
CA TRP B 37 5.86 -15.04 10.16
C TRP B 37 7.11 -14.84 9.35
N LEU B 38 7.33 -13.58 8.99
CA LEU B 38 8.58 -13.13 8.34
C LEU B 38 9.31 -12.16 9.27
N GLY B 39 10.62 -12.27 9.29
CA GLY B 39 11.46 -11.41 10.15
C GLY B 39 12.18 -10.36 9.34
N MET B 40 12.37 -9.21 9.98
CA MET B 40 13.07 -8.08 9.37
C MET B 40 14.10 -7.59 10.36
N VAL B 41 15.37 -7.68 9.97
CA VAL B 41 16.46 -7.21 10.78
C VAL B 41 16.74 -5.76 10.38
N GLY B 42 16.36 -4.86 11.29
CA GLY B 42 16.38 -3.43 11.05
C GLY B 42 14.98 -2.88 11.00
N GLY B 43 14.73 -1.76 11.69
CA GLY B 43 13.40 -1.19 11.73
C GLY B 43 13.32 0.28 11.37
N GLY B 44 14.13 0.71 10.40
CA GLY B 44 13.99 2.04 9.81
C GLY B 44 12.90 2.06 8.75
N GLN B 45 12.97 3.03 7.86
CA GLN B 45 11.93 3.25 6.84
C GLN B 45 11.83 2.10 5.85
N LEU B 46 12.96 1.46 5.56
CA LEU B 46 12.89 0.33 4.64
C LEU B 46 12.13 -0.82 5.31
N GLY B 47 12.41 -1.09 6.58
CA GLY B 47 11.66 -2.12 7.29
C GLY B 47 10.19 -1.79 7.41
N ARG B 48 9.87 -0.51 7.55
CA ARG B 48 8.51 -0.07 7.68
C ARG B 48 7.71 -0.30 6.40
N MET B 49 8.28 0.07 5.26
CA MET B 49 7.65 -0.16 4.01
C MET B 49 7.57 -1.65 3.67
N PHE B 50 8.55 -2.44 4.09
CA PHE B 50 8.44 -3.91 3.98
C PHE B 50 7.20 -4.40 4.74
N CYS B 51 6.98 -3.89 5.95
CA CYS B 51 5.82 -4.33 6.73
C CYS B 51 4.51 -4.14 5.97
N PHE B 52 4.34 -3.00 5.31
CA PHE B 52 3.09 -2.77 4.62
C PHE B 52 2.92 -3.77 3.46
N ALA B 53 4.01 -4.04 2.75
CA ALA B 53 3.95 -4.99 1.63
C ALA B 53 3.62 -6.40 2.11
N ALA B 54 4.32 -6.83 3.18
CA ALA B 54 4.16 -8.17 3.74
C ALA B 54 2.77 -8.39 4.35
N GLN B 55 2.32 -7.43 5.16
CA GLN B 55 1.00 -7.53 5.83
C GLN B 55 -0.14 -7.48 4.80
N SER B 56 0.04 -6.76 3.71
CA SER B 56 -0.99 -6.67 2.69
CA SER B 56 -0.98 -6.69 2.64
C SER B 56 -1.25 -8.06 2.06
N MET B 57 -0.17 -8.83 1.91
CA MET B 57 -0.27 -10.18 1.37
C MET B 57 -0.63 -11.21 2.41
N GLY B 58 -0.91 -10.78 3.63
CA GLY B 58 -1.29 -11.72 4.70
C GLY B 58 -0.21 -12.33 5.55
N TYR B 59 1.04 -11.89 5.39
CA TYR B 59 2.11 -12.31 6.27
C TYR B 59 2.14 -11.50 7.56
N ARG B 60 2.70 -12.08 8.60
CA ARG B 60 2.94 -11.38 9.85
C ARG B 60 4.42 -11.05 9.89
N VAL B 61 4.73 -9.87 10.42
CA VAL B 61 6.12 -9.39 10.45
C VAL B 61 6.60 -9.12 11.87
N ALA B 62 7.74 -9.73 12.20
CA ALA B 62 8.47 -9.40 13.42
C ALA B 62 9.71 -8.60 13.05
N VAL B 63 9.82 -7.42 13.63
CA VAL B 63 10.95 -6.53 13.43
C VAL B 63 11.88 -6.58 14.62
N LEU B 64 13.17 -6.82 14.35
CA LEU B 64 14.23 -6.66 15.34
C LEU B 64 14.94 -5.33 15.11
N ASP B 65 14.88 -4.50 16.15
CA ASP B 65 15.45 -3.15 16.12
C ASP B 65 15.58 -2.68 17.57
N PRO B 66 16.80 -2.32 18.00
CA PRO B 66 16.97 -1.89 19.39
C PRO B 66 16.33 -0.55 19.74
N ASP B 67 15.98 0.22 18.73
CA ASP B 67 15.40 1.54 18.94
C ASP B 67 13.97 1.43 19.44
N PRO B 68 13.71 1.95 20.64
CA PRO B 68 12.33 1.91 21.12
C PRO B 68 11.33 2.68 20.23
N ALA B 69 11.82 3.68 19.51
CA ALA B 69 10.97 4.47 18.61
C ALA B 69 10.98 3.95 17.15
N SER B 70 11.49 2.73 16.96
CA SER B 70 11.55 2.08 15.64
C SER B 70 10.33 2.38 14.79
N PRO B 71 10.53 3.07 13.64
CA PRO B 71 9.38 3.29 12.75
C PRO B 71 8.74 2.00 12.22
N ALA B 72 9.53 0.98 11.95
CA ALA B 72 9.01 -0.30 11.48
C ALA B 72 8.36 -1.09 12.64
N GLY B 73 9.03 -1.10 13.77
CA GLY B 73 8.48 -1.78 14.96
C GLY B 73 7.10 -1.29 15.36
N ALA B 74 6.87 0.01 15.22
CA ALA B 74 5.57 0.62 15.55
C ALA B 74 4.41 0.04 14.78
N VAL B 75 4.66 -0.36 13.51
CA VAL B 75 3.60 -0.86 12.65
C VAL B 75 3.69 -2.36 12.34
N ALA B 76 4.67 -3.06 12.94
CA ALA B 76 4.85 -4.48 12.75
C ALA B 76 3.85 -5.27 13.60
N ASP B 77 3.69 -6.54 13.27
CA ASP B 77 2.88 -7.42 14.10
C ASP B 77 3.55 -7.59 15.44
N ARG B 78 4.88 -7.63 15.44
CA ARG B 78 5.64 -7.78 16.67
C ARG B 78 6.94 -7.01 16.54
N HIS B 79 7.38 -6.40 17.64
CA HIS B 79 8.67 -5.71 17.70
C HIS B 79 9.48 -6.29 18.80
N LEU B 80 10.63 -6.88 18.43
CA LEU B 80 11.62 -7.35 19.37
C LEU B 80 12.57 -6.20 19.56
N ARG B 81 12.46 -5.52 20.70
CA ARG B 81 13.33 -4.40 21.01
C ARG B 81 14.60 -4.97 21.62
N ALA B 82 15.63 -5.17 20.80
CA ALA B 82 16.86 -5.81 21.25
C ALA B 82 18.00 -5.49 20.28
N ALA B 83 19.22 -5.61 20.79
CA ALA B 83 20.44 -5.38 20.02
C ALA B 83 20.62 -6.45 18.93
N TYR B 84 21.31 -6.06 17.86
CA TYR B 84 21.47 -6.91 16.68
C TYR B 84 22.38 -8.09 16.95
N ASP B 85 23.13 -8.04 18.05
CA ASP B 85 23.97 -9.17 18.49
C ASP B 85 23.47 -9.90 19.77
N ASP B 86 22.25 -9.59 20.18
CA ASP B 86 21.62 -10.26 21.33
C ASP B 86 21.14 -11.65 20.89
N GLU B 87 21.85 -12.70 21.31
CA GLU B 87 21.53 -14.05 20.87
C GLU B 87 20.18 -14.54 21.34
N ALA B 88 19.72 -14.11 22.51
CA ALA B 88 18.38 -14.53 22.96
C ALA B 88 17.29 -13.96 22.04
N ALA B 89 17.45 -12.70 21.64
CA ALA B 89 16.55 -12.03 20.71
C ALA B 89 16.62 -12.67 19.33
N LEU B 90 17.84 -12.98 18.86
CA LEU B 90 18.00 -13.63 17.56
C LEU B 90 17.36 -15.00 17.52
N ALA B 91 17.55 -15.79 18.58
CA ALA B 91 16.92 -17.11 18.65
C ALA B 91 15.40 -17.00 18.64
N GLU B 92 14.87 -15.97 19.28
CA GLU B 92 13.42 -15.79 19.36
C GLU B 92 12.90 -15.45 17.95
N LEU B 93 13.61 -14.58 17.25
CA LEU B 93 13.25 -14.21 15.87
C LEU B 93 13.29 -15.45 14.95
N ALA B 94 14.40 -16.20 15.00
CA ALA B 94 14.57 -17.38 14.16
C ALA B 94 13.52 -18.42 14.49
N GLY B 95 13.19 -18.57 15.76
CA GLY B 95 12.16 -19.54 16.14
C GLY B 95 10.76 -19.21 15.67
N LEU B 96 10.46 -17.91 15.64
CA LEU B 96 9.15 -17.41 15.29
C LEU B 96 8.98 -17.38 13.76
N CYS B 97 10.05 -16.96 13.08
CA CYS B 97 9.94 -16.66 11.62
C CYS B 97 10.39 -17.81 10.69
N GLU B 98 9.63 -18.03 9.62
CA GLU B 98 9.98 -19.03 8.61
C GLU B 98 11.03 -18.48 7.62
N ALA B 99 11.12 -17.17 7.51
CA ALA B 99 12.17 -16.53 6.73
C ALA B 99 12.51 -15.19 7.35
N VAL B 100 13.74 -14.75 7.13
CA VAL B 100 14.21 -13.44 7.64
C VAL B 100 15.00 -12.69 6.59
N SER B 101 14.74 -11.39 6.46
CA SER B 101 15.52 -10.54 5.55
C SER B 101 16.05 -9.35 6.35
N THR B 102 16.81 -8.50 5.66
CA THR B 102 17.50 -7.40 6.31
CA THR B 102 17.53 -7.41 6.28
C THR B 102 17.32 -6.07 5.59
N GLU B 103 17.37 -5.00 6.39
CA GLU B 103 17.43 -3.63 5.90
C GLU B 103 18.50 -2.78 6.62
N PHE B 104 18.95 -3.20 7.81
CA PHE B 104 19.85 -2.38 8.62
C PHE B 104 21.23 -2.34 7.98
N GLU B 105 21.80 -1.14 7.93
CA GLU B 105 23.01 -0.89 7.15
C GLU B 105 24.19 -1.73 7.62
N ASN B 106 24.49 -1.69 8.91
CA ASN B 106 25.69 -2.34 9.40
C ASN B 106 25.38 -3.65 10.14
N VAL B 107 24.48 -4.48 9.62
CA VAL B 107 24.11 -5.71 10.34
C VAL B 107 25.32 -6.65 10.37
N PRO B 108 25.69 -7.16 11.56
CA PRO B 108 26.81 -8.10 11.58
C PRO B 108 26.46 -9.40 10.85
N ALA B 109 27.29 -9.82 9.90
CA ALA B 109 27.00 -11.05 9.15
C ALA B 109 26.90 -12.26 10.09
N ALA B 110 27.58 -12.19 11.23
CA ALA B 110 27.53 -13.22 12.28
C ALA B 110 26.12 -13.42 12.80
N SER B 111 25.38 -12.34 12.90
CA SER B 111 23.97 -12.44 13.30
C SER B 111 23.14 -13.18 12.24
N LEU B 112 23.38 -12.88 10.97
CA LEU B 112 22.66 -13.55 9.91
C LEU B 112 23.04 -15.03 9.89
N ASP B 113 24.33 -15.33 10.08
CA ASP B 113 24.87 -16.69 10.27
C ASP B 113 24.11 -17.41 11.37
N PHE B 114 24.02 -16.75 12.53
CA PHE B 114 23.31 -17.34 13.68
C PHE B 114 21.87 -17.67 13.32
N LEU B 115 21.18 -16.71 12.72
CA LEU B 115 19.82 -16.94 12.29
C LEU B 115 19.66 -18.09 11.29
N ALA B 116 20.59 -18.20 10.35
CA ALA B 116 20.48 -19.18 9.26
C ALA B 116 20.72 -20.63 9.75
N ARG B 117 21.17 -20.78 11.00
CA ARG B 117 21.26 -22.12 11.60
C ARG B 117 19.86 -22.73 11.75
N THR B 118 18.83 -21.87 11.89
CA THR B 118 17.46 -22.29 12.24
C THR B 118 16.32 -21.82 11.27
N THR B 119 16.60 -20.85 10.39
CA THR B 119 15.58 -20.31 9.47
C THR B 119 16.22 -19.90 8.15
N PHE B 120 15.36 -19.53 7.21
CA PHE B 120 15.78 -19.13 5.88
C PHE B 120 16.10 -17.63 5.89
N VAL B 121 17.29 -17.29 5.45
CA VAL B 121 17.79 -15.93 5.48
C VAL B 121 18.10 -15.51 4.04
N ALA B 122 17.41 -14.48 3.55
CA ALA B 122 17.52 -14.03 2.16
C ALA B 122 17.49 -12.49 2.11
N PRO B 123 18.59 -11.86 1.70
CA PRO B 123 19.87 -12.42 1.26
C PRO B 123 20.71 -13.03 2.35
N ALA B 124 21.57 -13.98 1.96
CA ALA B 124 22.43 -14.67 2.89
C ALA B 124 23.51 -13.76 3.45
N GLY B 125 23.99 -14.05 4.67
CA GLY B 125 25.04 -13.25 5.28
C GLY B 125 26.27 -13.06 4.41
N ARG B 126 26.64 -14.09 3.66
CA ARG B 126 27.83 -14.06 2.81
C ARG B 126 27.67 -13.01 1.70
N CYS B 127 26.44 -12.85 1.21
CA CYS B 127 26.18 -11.83 0.21
C CYS B 127 26.19 -10.44 0.82
N VAL B 128 25.57 -10.29 1.99
CA VAL B 128 25.57 -9.00 2.68
C VAL B 128 27.00 -8.57 3.03
N ALA B 129 27.83 -9.52 3.44
CA ALA B 129 29.20 -9.17 3.80
C ALA B 129 30.02 -8.63 2.60
N VAL B 130 29.79 -9.19 1.41
CA VAL B 130 30.47 -8.73 0.19
C VAL B 130 30.02 -7.30 -0.13
N ALA B 131 28.72 -7.07 -0.06
CA ALA B 131 28.17 -5.79 -0.42
C ALA B 131 28.53 -4.66 0.54
N GLN B 132 28.77 -5.01 1.81
CA GLN B 132 29.12 -4.03 2.86
C GLN B 132 30.60 -3.62 2.90
N ASP B 133 31.43 -4.26 2.08
CA ASP B 133 32.88 -4.02 2.14
C ASP B 133 33.30 -3.50 0.77
N ARG B 134 33.82 -2.27 0.72
CA ARG B 134 34.10 -1.62 -0.56
C ARG B 134 35.09 -2.39 -1.40
N ILE B 135 36.06 -3.05 -0.76
CA ILE B 135 37.03 -3.87 -1.45
C ILE B 135 36.40 -5.16 -2.01
N ALA B 136 35.67 -5.89 -1.16
CA ALA B 136 34.97 -7.10 -1.58
C ALA B 136 33.98 -6.78 -2.69
N GLU B 137 33.25 -5.69 -2.54
CA GLU B 137 32.24 -5.36 -3.56
C GLU B 137 32.89 -5.04 -4.92
N LYS B 138 33.96 -4.26 -4.93
CA LYS B 138 34.66 -3.95 -6.18
C LYS B 138 35.20 -5.24 -6.82
N ARG B 139 35.85 -6.07 -6.01
CA ARG B 139 36.43 -7.35 -6.48
C ARG B 139 35.37 -8.27 -7.05
N PHE B 140 34.22 -8.29 -6.40
CA PHE B 140 33.16 -9.16 -6.84
C PHE B 140 32.51 -8.70 -8.14
N ILE B 141 32.24 -7.40 -8.26
CA ILE B 141 31.66 -6.88 -9.50
C ILE B 141 32.62 -7.13 -10.68
N GLU B 142 33.90 -6.88 -10.48
CA GLU B 142 34.90 -7.20 -11.50
C GLU B 142 34.86 -8.68 -11.91
N ALA B 143 34.83 -9.55 -10.90
CA ALA B 143 34.73 -11.01 -11.08
C ALA B 143 33.46 -11.44 -11.82
N SER B 144 32.43 -10.60 -11.76
CA SER B 144 31.19 -10.85 -12.47
C SER B 144 31.25 -10.36 -13.91
N GLY B 145 32.41 -9.84 -14.35
CA GLY B 145 32.59 -9.37 -15.72
C GLY B 145 31.95 -8.03 -16.03
N VAL B 146 31.74 -7.22 -15.01
CA VAL B 146 31.14 -5.89 -15.15
C VAL B 146 32.22 -4.84 -14.89
N PRO B 147 32.38 -3.86 -15.81
CA PRO B 147 33.45 -2.87 -15.61
C PRO B 147 33.25 -2.04 -14.33
N VAL B 148 34.34 -1.81 -13.60
CA VAL B 148 34.26 -1.07 -12.33
C VAL B 148 34.99 0.27 -12.41
N ALA B 149 34.48 1.25 -11.64
CA ALA B 149 35.08 2.56 -11.63
C ALA B 149 36.52 2.44 -11.13
N PRO B 150 37.45 3.15 -11.81
CA PRO B 150 38.88 3.08 -11.46
C PRO B 150 39.18 3.32 -9.98
N HIS B 151 40.01 2.45 -9.41
CA HIS B 151 40.41 2.54 -7.99
C HIS B 151 41.66 1.75 -7.72
N VAL B 152 42.28 1.96 -6.56
CA VAL B 152 43.37 1.13 -6.05
C VAL B 152 42.98 0.64 -4.64
N VAL B 153 43.17 -0.65 -4.38
CA VAL B 153 42.89 -1.23 -3.06
C VAL B 153 44.13 -1.07 -2.17
N ILE B 154 43.91 -0.59 -0.95
CA ILE B 154 44.96 -0.37 0.05
C ILE B 154 44.54 -1.06 1.35
N GLU B 155 44.93 -2.31 1.50
CA GLU B 155 44.51 -3.16 2.63
C GLU B 155 45.11 -2.71 3.96
N SER B 156 46.28 -2.08 3.91
CA SER B 156 47.11 -1.88 5.13
C SER B 156 48.20 -0.88 4.86
N ALA B 157 48.88 -0.44 5.92
CA ALA B 157 50.07 0.37 5.78
C ALA B 157 51.14 -0.35 4.96
N ALA B 158 51.27 -1.67 5.14
CA ALA B 158 52.24 -2.44 4.39
C ALA B 158 51.92 -2.43 2.89
N ALA B 159 50.65 -2.63 2.57
CA ALA B 159 50.19 -2.58 1.19
C ALA B 159 50.45 -1.18 0.59
N LEU B 160 50.20 -0.13 1.37
CA LEU B 160 50.50 1.24 0.96
C LEU B 160 52.00 1.45 0.70
N ALA B 161 52.87 0.90 1.56
CA ALA B 161 54.29 1.01 1.39
C ALA B 161 54.79 0.41 0.07
N ALA B 162 54.11 -0.66 -0.36
CA ALA B 162 54.48 -1.39 -1.56
C ALA B 162 53.86 -0.76 -2.81
N LEU B 163 53.12 0.33 -2.67
CA LEU B 163 52.64 1.09 -3.82
C LEU B 163 53.46 2.37 -4.01
N ASP B 164 54.11 2.53 -5.16
CA ASP B 164 54.89 3.76 -5.40
C ASP B 164 53.97 4.93 -5.75
N ASP B 165 54.54 6.15 -5.74
CA ASP B 165 53.75 7.35 -6.01
C ASP B 165 52.99 7.27 -7.34
N ALA B 166 53.64 6.70 -8.35
CA ALA B 166 53.03 6.57 -9.68
C ALA B 166 51.77 5.70 -9.64
N ALA B 167 51.83 4.61 -8.84
CA ALA B 167 50.67 3.74 -8.63
C ALA B 167 49.48 4.49 -8.03
N LEU B 168 49.76 5.39 -7.08
CA LEU B 168 48.73 6.23 -6.50
C LEU B 168 48.26 7.32 -7.48
N ASP B 169 49.21 7.95 -8.17
CA ASP B 169 48.87 9.00 -9.14
C ASP B 169 47.86 8.56 -10.20
N ALA B 170 47.88 7.27 -10.56
CA ALA B 170 46.90 6.69 -11.51
C ALA B 170 45.44 6.89 -11.13
N VAL B 171 45.16 7.00 -9.83
CA VAL B 171 43.78 7.17 -9.37
C VAL B 171 43.59 8.49 -8.62
N LEU B 172 44.42 9.48 -8.92
CA LEU B 172 44.33 10.79 -8.28
C LEU B 172 44.10 11.90 -9.31
N PRO B 173 43.43 13.00 -8.91
CA PRO B 173 42.78 13.18 -7.63
C PRO B 173 41.66 12.19 -7.45
N GLY B 174 41.31 11.95 -6.20
CA GLY B 174 40.30 10.97 -5.88
C GLY B 174 39.84 11.12 -4.45
N ILE B 175 39.23 10.05 -3.94
CA ILE B 175 38.70 10.04 -2.58
C ILE B 175 39.13 8.73 -1.94
N LEU B 176 39.80 8.81 -0.80
CA LEU B 176 40.14 7.63 -0.04
C LEU B 176 38.98 7.29 0.87
N LYS B 177 38.50 6.05 0.78
CA LYS B 177 37.32 5.61 1.53
C LYS B 177 37.61 4.33 2.31
N THR B 178 37.26 4.32 3.59
CA THR B 178 37.34 3.11 4.38
C THR B 178 36.45 2.01 3.78
N ALA B 179 36.95 0.79 3.79
CA ALA B 179 36.23 -0.34 3.20
C ALA B 179 34.93 -0.62 3.95
N ARG B 180 34.96 -0.42 5.27
CA ARG B 180 33.75 -0.47 6.07
C ARG B 180 33.41 0.96 6.44
N LYS B 186 31.92 10.30 6.75
CA LYS B 186 32.49 9.35 7.70
C LYS B 186 33.41 8.32 7.02
N GLY B 187 34.71 8.41 7.29
CA GLY B 187 35.71 7.52 6.67
C GLY B 187 36.11 7.84 5.24
N GLN B 188 35.86 9.08 4.81
CA GLN B 188 36.23 9.51 3.46
C GLN B 188 37.07 10.78 3.52
N VAL B 189 38.11 10.83 2.68
CA VAL B 189 39.01 11.99 2.60
C VAL B 189 39.30 12.28 1.13
N ARG B 190 38.96 13.48 0.70
CA ARG B 190 39.36 13.97 -0.63
C ARG B 190 40.87 14.19 -0.64
N VAL B 191 41.54 13.60 -1.62
CA VAL B 191 43.00 13.68 -1.76
C VAL B 191 43.42 13.92 -3.21
N SER B 192 44.47 14.71 -3.39
CA SER B 192 44.91 15.14 -4.73
C SER B 192 46.30 14.63 -5.14
N THR B 193 47.17 14.40 -4.16
CA THR B 193 48.53 13.94 -4.42
C THR B 193 48.82 12.64 -3.68
N ALA B 194 49.87 11.95 -4.13
CA ALA B 194 50.32 10.71 -3.49
C ALA B 194 50.61 10.94 -2.01
N ARG B 195 51.28 12.03 -1.69
CA ARG B 195 51.55 12.40 -0.32
C ARG B 195 50.27 12.55 0.50
N GLU B 196 49.27 13.25 -0.07
CA GLU B 196 47.99 13.42 0.62
C GLU B 196 47.31 12.08 0.82
N ALA B 197 47.43 11.21 -0.18
CA ALA B 197 46.88 9.85 -0.10
C ALA B 197 47.54 9.02 1.04
N ARG B 198 48.87 9.08 1.12
CA ARG B 198 49.61 8.38 2.19
C ARG B 198 49.24 8.94 3.56
N ASP B 199 49.18 10.27 3.66
CA ASP B 199 48.83 10.89 4.95
C ASP B 199 47.38 10.59 5.36
N ALA B 200 46.47 10.56 4.38
CA ALA B 200 45.07 10.26 4.63
C ALA B 200 44.91 8.85 5.14
N HIS B 201 45.64 7.89 4.58
CA HIS B 201 45.55 6.53 5.03
C HIS B 201 45.96 6.41 6.47
N ALA B 202 47.01 7.12 6.84
CA ALA B 202 47.52 7.08 8.22
C ALA B 202 46.53 7.78 9.15
N ALA B 203 45.93 8.86 8.66
CA ALA B 203 44.92 9.61 9.41
C ALA B 203 43.68 8.76 9.69
N LEU B 204 43.36 7.81 8.81
CA LEU B 204 42.24 6.88 9.02
C LEU B 204 42.64 5.62 9.80
N GLY B 205 43.86 5.60 10.35
CA GLY B 205 44.29 4.51 11.21
C GLY B 205 44.85 3.31 10.48
N GLY B 206 45.10 3.44 9.18
CA GLY B 206 45.74 2.37 8.42
C GLY B 206 44.82 1.20 8.09
N VAL B 207 43.52 1.43 8.21
CA VAL B 207 42.51 0.40 7.99
C VAL B 207 42.36 0.16 6.49
N PRO B 208 41.76 -1.00 6.10
CA PRO B 208 41.53 -1.21 4.68
C PRO B 208 40.68 -0.12 4.04
N CYS B 209 41.14 0.32 2.88
CA CYS B 209 40.55 1.40 2.14
C CYS B 209 40.57 1.09 0.65
N VAL B 210 39.72 1.80 -0.09
CA VAL B 210 39.85 1.91 -1.53
C VAL B 210 40.12 3.39 -1.85
N LEU B 211 41.01 3.62 -2.80
CA LEU B 211 41.26 4.98 -3.30
C LEU B 211 40.57 5.07 -4.66
N GLU B 212 39.52 5.88 -4.76
CA GLU B 212 38.66 5.95 -5.94
C GLU B 212 38.99 7.20 -6.73
N LYS B 213 39.37 7.02 -7.99
CA LYS B 213 39.62 8.15 -8.86
C LYS B 213 38.37 9.04 -9.10
N ARG B 214 38.56 10.36 -9.08
CA ARG B 214 37.49 11.28 -9.49
C ARG B 214 37.37 11.19 -11.00
N LEU B 215 36.16 10.98 -11.47
CA LEU B 215 35.88 10.75 -12.87
C LEU B 215 35.04 11.88 -13.45
N PRO B 216 35.11 12.08 -14.78
CA PRO B 216 34.28 13.04 -15.50
C PRO B 216 32.87 12.52 -15.69
N LEU B 217 32.08 12.69 -14.66
CA LEU B 217 30.74 12.13 -14.60
C LEU B 217 29.77 12.91 -15.47
N LYS B 218 28.96 12.20 -16.26
CA LYS B 218 27.86 12.81 -17.02
C LYS B 218 26.53 12.62 -16.30
N TYR B 219 26.19 11.39 -15.95
CA TYR B 219 24.97 11.13 -15.14
C TYR B 219 25.11 9.81 -14.40
N GLU B 220 24.27 9.65 -13.40
CA GLU B 220 24.28 8.46 -12.53
C GLU B 220 22.98 7.70 -12.69
N VAL B 221 23.09 6.37 -12.68
CA VAL B 221 21.90 5.48 -12.80
C VAL B 221 22.00 4.34 -11.79
N SER B 222 20.84 3.79 -11.43
CA SER B 222 20.81 2.55 -10.66
C SER B 222 19.89 1.52 -11.29
N ALA B 223 20.37 0.29 -11.32
CA ALA B 223 19.60 -0.87 -11.69
C ALA B 223 19.09 -1.52 -10.42
N LEU B 224 17.89 -2.07 -10.49
CA LEU B 224 17.19 -2.65 -9.32
C LEU B 224 16.55 -3.95 -9.80
N ILE B 225 17.00 -5.06 -9.25
CA ILE B 225 16.57 -6.38 -9.65
C ILE B 225 16.19 -7.23 -8.44
N ALA B 226 15.29 -8.18 -8.66
CA ALA B 226 14.95 -9.18 -7.65
C ALA B 226 15.42 -10.54 -8.20
N ARG B 227 16.02 -11.37 -7.36
CA ARG B 227 16.41 -12.72 -7.80
C ARG B 227 15.93 -13.71 -6.74
N GLY B 228 15.40 -14.84 -7.20
CA GLY B 228 14.83 -15.86 -6.33
C GLY B 228 15.77 -17.02 -6.10
N ALA B 229 15.40 -17.85 -5.13
CA ALA B 229 16.16 -19.06 -4.80
C ALA B 229 16.29 -20.00 -5.97
N ASP B 230 15.31 -20.00 -6.88
CA ASP B 230 15.35 -20.84 -8.11
C ASP B 230 16.18 -20.23 -9.25
N GLY B 231 16.83 -19.10 -8.99
CA GLY B 231 17.65 -18.42 -9.98
C GLY B 231 16.94 -17.54 -10.99
N ARG B 232 15.62 -17.41 -10.86
CA ARG B 232 14.87 -16.54 -11.77
C ARG B 232 14.99 -15.13 -11.25
N SER B 233 14.99 -14.16 -12.15
CA SER B 233 15.06 -12.75 -11.75
CA SER B 233 15.08 -12.74 -11.77
C SER B 233 14.02 -11.90 -12.45
N ALA B 234 13.83 -10.69 -11.94
CA ALA B 234 12.90 -9.70 -12.51
C ALA B 234 13.53 -8.31 -12.34
N ALA B 235 13.69 -7.57 -13.43
CA ALA B 235 14.36 -6.27 -13.41
C ALA B 235 13.34 -5.15 -13.52
N PHE B 236 13.51 -4.14 -12.65
CA PHE B 236 12.80 -2.88 -12.85
C PHE B 236 13.45 -2.05 -13.96
N PRO B 237 12.81 -0.96 -14.37
CA PRO B 237 13.45 -0.04 -15.29
C PRO B 237 14.71 0.62 -14.70
N LEU B 238 15.48 1.30 -15.53
CA LEU B 238 16.67 2.01 -15.09
C LEU B 238 16.31 3.38 -14.47
N ALA B 239 16.84 3.65 -13.27
CA ALA B 239 16.59 4.90 -12.57
C ALA B 239 17.74 5.86 -12.76
N GLN B 240 17.44 7.14 -12.98
CA GLN B 240 18.47 8.19 -13.06
C GLN B 240 18.42 8.98 -11.75
N ASN B 241 19.60 9.09 -11.12
CA ASN B 241 19.74 9.61 -9.77
C ASN B 241 20.56 10.87 -9.72
N VAL B 242 20.08 11.88 -8.98
CA VAL B 242 20.82 13.11 -8.73
C VAL B 242 21.12 13.14 -7.24
N HIS B 243 22.40 13.32 -6.91
CA HIS B 243 22.83 13.49 -5.52
C HIS B 243 23.15 14.94 -5.24
N HIS B 244 22.89 15.36 -4.01
CA HIS B 244 23.30 16.69 -3.52
C HIS B 244 23.98 16.55 -2.19
N ASN B 245 25.20 17.10 -2.07
CA ASN B 245 25.98 16.96 -0.82
C ASN B 245 26.09 15.50 -0.38
N GLY B 246 26.24 14.62 -1.38
CA GLY B 246 26.44 13.21 -1.16
C GLY B 246 25.23 12.39 -0.75
N ILE B 247 24.04 12.99 -0.83
CA ILE B 247 22.81 12.33 -0.42
C ILE B 247 21.88 12.33 -1.62
N LEU B 248 21.20 11.22 -1.85
CA LEU B 248 20.21 11.13 -2.95
C LEU B 248 19.15 12.23 -2.79
N ALA B 249 18.90 12.98 -3.85
CA ALA B 249 17.91 14.04 -3.85
C ALA B 249 16.71 13.76 -4.75
N LEU B 250 16.97 13.31 -5.99
CA LEU B 250 15.95 13.16 -7.00
C LEU B 250 16.24 11.92 -7.82
N THR B 251 15.22 11.10 -8.03
CA THR B 251 15.27 9.93 -8.94
C THR B 251 14.18 10.08 -10.00
N ILE B 252 14.49 9.81 -11.26
CA ILE B 252 13.54 9.90 -12.39
C ILE B 252 13.58 8.56 -13.11
N VAL B 253 12.40 8.01 -13.43
CA VAL B 253 12.28 6.68 -14.02
C VAL B 253 11.16 6.67 -15.06
N PRO B 254 11.43 6.18 -16.29
CA PRO B 254 12.70 5.65 -16.79
C PRO B 254 13.74 6.77 -16.94
N ALA B 255 15.00 6.42 -16.72
CA ALA B 255 16.15 7.34 -16.82
C ALA B 255 16.13 8.12 -18.14
N PRO B 256 16.04 9.45 -18.07
CA PRO B 256 15.90 10.20 -19.33
C PRO B 256 17.11 10.07 -20.27
N ALA B 257 18.28 9.96 -19.69
CA ALA B 257 19.54 10.00 -20.48
C ALA B 257 19.91 8.67 -21.11
N ALA B 258 19.27 7.57 -20.71
CA ALA B 258 19.69 6.23 -21.13
C ALA B 258 18.81 5.65 -22.22
N ASP B 259 19.43 5.26 -23.35
CA ASP B 259 18.71 4.65 -24.44
C ASP B 259 18.47 3.15 -24.17
N THR B 260 17.76 2.50 -25.07
CA THR B 260 17.38 1.11 -24.83
C THR B 260 18.57 0.20 -24.63
N ALA B 261 19.64 0.42 -25.37
CA ALA B 261 20.83 -0.40 -25.24
C ALA B 261 21.46 -0.20 -23.85
N ARG B 262 21.45 1.04 -23.36
CA ARG B 262 22.02 1.33 -22.02
C ARG B 262 21.22 0.68 -20.90
N VAL B 263 19.91 0.67 -21.03
CA VAL B 263 19.02 0.07 -20.05
C VAL B 263 19.33 -1.42 -19.98
N GLU B 264 19.37 -2.05 -21.16
CA GLU B 264 19.65 -3.46 -21.25
C GLU B 264 21.03 -3.83 -20.67
N GLU B 265 22.04 -3.05 -21.04
CA GLU B 265 23.39 -3.22 -20.50
C GLU B 265 23.40 -3.17 -18.97
N ALA B 266 22.73 -2.17 -18.40
CA ALA B 266 22.71 -2.02 -16.94
C ALA B 266 21.93 -3.13 -16.24
N GLN B 267 20.77 -3.49 -16.78
CA GLN B 267 19.99 -4.59 -16.22
C GLN B 267 20.75 -5.93 -16.27
N GLN B 268 21.35 -6.23 -17.42
CA GLN B 268 22.11 -7.48 -17.55
C GLN B 268 23.30 -7.50 -16.58
N ALA B 269 23.94 -6.34 -16.37
CA ALA B 269 25.05 -6.23 -15.42
C ALA B 269 24.61 -6.57 -14.02
N ALA B 270 23.50 -5.98 -13.58
CA ALA B 270 23.00 -6.27 -12.25
C ALA B 270 22.63 -7.75 -12.08
N VAL B 271 21.98 -8.33 -13.07
CA VAL B 271 21.61 -9.75 -13.01
C VAL B 271 22.84 -10.64 -12.97
N ARG B 272 23.86 -10.31 -13.77
CA ARG B 272 25.11 -11.08 -13.77
C ARG B 272 25.74 -11.07 -12.38
N ILE B 273 25.77 -9.91 -11.73
CA ILE B 273 26.27 -9.81 -10.37
C ILE B 273 25.46 -10.65 -9.38
N ALA B 274 24.13 -10.56 -9.44
CA ALA B 274 23.26 -11.33 -8.58
C ALA B 274 23.47 -12.82 -8.78
N ASP B 275 23.61 -13.24 -10.03
CA ASP B 275 23.82 -14.67 -10.32
C ASP B 275 25.17 -15.14 -9.75
N THR B 276 26.21 -14.33 -9.97
CA THR B 276 27.56 -14.69 -9.51
C THR B 276 27.57 -14.80 -7.99
N LEU B 277 26.79 -13.94 -7.33
CA LEU B 277 26.70 -13.89 -5.87
C LEU B 277 25.84 -15.01 -5.26
N GLY B 278 25.03 -15.68 -6.08
CA GLY B 278 23.99 -16.59 -5.57
C GLY B 278 23.01 -15.82 -4.68
N TYR B 279 22.66 -14.63 -5.13
CA TYR B 279 21.90 -13.67 -4.32
C TYR B 279 20.41 -13.97 -4.37
N VAL B 280 19.76 -14.03 -3.20
CA VAL B 280 18.30 -14.16 -3.12
C VAL B 280 17.77 -12.91 -2.42
N GLY B 281 17.00 -12.08 -3.15
CA GLY B 281 16.47 -10.85 -2.59
C GLY B 281 16.46 -9.74 -3.63
N VAL B 282 16.38 -8.51 -3.16
CA VAL B 282 16.46 -7.33 -4.01
C VAL B 282 17.87 -6.79 -3.94
N LEU B 283 18.45 -6.55 -5.12
CA LEU B 283 19.80 -5.97 -5.26
C LEU B 283 19.75 -4.66 -6.03
N CYS B 284 20.40 -3.60 -5.51
CA CYS B 284 20.49 -2.35 -6.24
C CYS B 284 21.93 -2.08 -6.62
N VAL B 285 22.22 -1.90 -7.91
CA VAL B 285 23.59 -1.60 -8.36
C VAL B 285 23.62 -0.19 -8.95
N GLU B 286 24.55 0.63 -8.44
CA GLU B 286 24.70 2.01 -8.89
C GLU B 286 25.87 2.16 -9.85
N PHE B 287 25.63 2.89 -10.92
CA PHE B 287 26.61 3.07 -11.98
C PHE B 287 26.86 4.55 -12.29
N PHE B 288 27.99 4.82 -12.95
CA PHE B 288 28.31 6.12 -13.51
C PHE B 288 28.34 6.00 -15.02
N VAL B 289 27.77 6.98 -15.70
CA VAL B 289 27.97 7.15 -17.14
C VAL B 289 28.87 8.39 -17.28
N LEU B 290 30.02 8.21 -17.93
CA LEU B 290 31.02 9.27 -18.02
C LEU B 290 30.82 10.11 -19.28
N GLU B 291 31.51 11.26 -19.34
CA GLU B 291 31.43 12.16 -20.49
C GLU B 291 31.76 11.46 -21.80
N ASP B 292 32.71 10.51 -21.76
CA ASP B 292 33.13 9.79 -22.95
C ASP B 292 32.15 8.69 -23.37
N GLY B 293 31.10 8.51 -22.58
CA GLY B 293 30.05 7.56 -22.89
C GLY B 293 30.25 6.22 -22.22
N SER B 294 31.38 6.03 -21.53
CA SER B 294 31.65 4.76 -20.86
C SER B 294 30.77 4.55 -19.63
N PHE B 295 30.58 3.28 -19.30
CA PHE B 295 29.65 2.86 -18.29
C PHE B 295 30.39 1.98 -17.25
N VAL B 296 30.40 2.40 -15.98
CA VAL B 296 31.14 1.70 -14.93
C VAL B 296 30.28 1.53 -13.68
N ALA B 297 30.39 0.36 -13.06
CA ALA B 297 29.69 0.09 -11.81
C ALA B 297 30.50 0.65 -10.67
N ASN B 298 29.81 1.20 -9.66
CA ASN B 298 30.51 1.74 -8.51
C ASN B 298 30.22 1.02 -7.20
N GLU B 299 28.96 0.72 -6.91
CA GLU B 299 28.63 0.04 -5.65
C GLU B 299 27.28 -0.68 -5.75
N MET B 300 27.01 -1.53 -4.76
CA MET B 300 25.74 -2.23 -4.67
C MET B 300 25.21 -2.33 -3.24
N ALA B 301 23.89 -2.43 -3.12
CA ALA B 301 23.20 -2.49 -1.84
C ALA B 301 22.45 -3.80 -1.81
N PRO B 302 22.67 -4.60 -0.77
CA PRO B 302 22.02 -5.89 -0.63
C PRO B 302 20.64 -5.79 0.04
N ARG B 303 19.75 -5.03 -0.58
CA ARG B 303 18.46 -4.69 -0.02
C ARG B 303 17.72 -3.79 -1.01
N PRO B 304 16.40 -3.61 -0.81
CA PRO B 304 15.71 -2.44 -1.34
C PRO B 304 16.50 -1.16 -1.08
N HIS B 305 16.39 -0.20 -1.99
CA HIS B 305 17.25 1.00 -1.99
C HIS B 305 16.41 2.26 -2.13
N ASN B 306 16.92 3.37 -1.62
CA ASN B 306 16.21 4.65 -1.73
C ASN B 306 15.85 5.01 -3.18
N SER B 307 16.69 4.65 -4.14
CA SER B 307 16.38 4.94 -5.55
C SER B 307 15.26 4.11 -6.11
N GLY B 308 14.80 3.13 -5.34
CA GLY B 308 13.68 2.24 -5.71
C GLY B 308 12.35 2.56 -5.09
N HIS B 309 12.27 3.62 -4.30
CA HIS B 309 10.98 3.91 -3.62
C HIS B 309 9.86 4.24 -4.60
N TYR B 310 10.20 4.73 -5.78
CA TYR B 310 9.22 5.06 -6.81
C TYR B 310 8.37 3.83 -7.17
N THR B 311 8.97 2.64 -7.03
CA THR B 311 8.25 1.41 -7.41
C THR B 311 6.92 1.19 -6.66
N VAL B 312 6.80 1.77 -5.46
CA VAL B 312 5.57 1.59 -4.67
C VAL B 312 4.38 2.22 -5.36
N ASP B 313 4.61 3.34 -6.05
CA ASP B 313 3.51 4.08 -6.68
C ASP B 313 3.53 3.99 -8.20
N ALA B 314 4.63 3.50 -8.81
CA ALA B 314 4.76 3.53 -10.28
C ALA B 314 4.72 2.15 -10.94
N CYS B 315 4.90 1.07 -10.16
CA CYS B 315 5.03 -0.30 -10.70
C CYS B 315 4.01 -1.26 -10.16
N ALA B 316 3.75 -2.32 -10.94
CA ALA B 316 2.76 -3.33 -10.57
C ALA B 316 3.16 -4.08 -9.31
N THR B 317 4.46 -4.27 -9.10
CA THR B 317 5.01 -4.85 -7.88
C THR B 317 6.09 -3.91 -7.37
N SER B 318 6.11 -3.57 -6.09
CA SER B 318 7.15 -2.72 -5.53
C SER B 318 8.41 -3.49 -5.19
N GLN B 319 9.49 -2.78 -4.92
CA GLN B 319 10.72 -3.43 -4.46
C GLN B 319 10.51 -4.14 -3.12
N PHE B 320 9.60 -3.64 -2.29
CA PHE B 320 9.29 -4.27 -1.01
C PHE B 320 8.50 -5.57 -1.18
N GLU B 321 7.56 -5.59 -2.10
CA GLU B 321 6.86 -6.83 -2.46
CA GLU B 321 6.86 -6.83 -2.40
C GLU B 321 7.81 -7.87 -3.00
N GLN B 322 8.79 -7.44 -3.81
CA GLN B 322 9.77 -8.40 -4.35
C GLN B 322 10.61 -8.98 -3.22
N GLN B 323 10.97 -8.15 -2.22
CA GLN B 323 11.70 -8.66 -1.08
C GLN B 323 10.90 -9.75 -0.39
N VAL B 324 9.62 -9.53 -0.18
CA VAL B 324 8.74 -10.57 0.43
C VAL B 324 8.74 -11.83 -0.44
N ARG B 325 8.54 -11.67 -1.74
CA ARG B 325 8.45 -12.85 -2.65
C ARG B 325 9.76 -13.63 -2.68
N ALA B 326 10.89 -12.95 -2.72
CA ALA B 326 12.19 -13.62 -2.79
C ALA B 326 12.44 -14.41 -1.51
N MET B 327 12.11 -13.83 -0.37
CA MET B 327 12.45 -14.50 0.89
C MET B 327 11.51 -15.64 1.23
N THR B 328 10.32 -15.64 0.66
CA THR B 328 9.35 -16.71 0.85
C THR B 328 9.41 -17.79 -0.25
N ARG B 329 10.33 -17.66 -1.20
CA ARG B 329 10.44 -18.58 -2.34
C ARG B 329 9.12 -18.64 -3.12
N MET B 330 8.43 -17.50 -3.15
CA MET B 330 7.23 -17.32 -3.94
C MET B 330 7.63 -16.76 -5.30
N PRO B 331 6.76 -16.91 -6.30
CA PRO B 331 7.07 -16.37 -7.63
C PRO B 331 7.32 -14.87 -7.56
N LEU B 332 8.30 -14.37 -8.29
CA LEU B 332 8.55 -12.91 -8.32
C LEU B 332 7.37 -12.22 -9.02
N GLY B 333 7.14 -10.98 -8.61
CA GLY B 333 6.10 -10.18 -9.19
C GLY B 333 6.47 -9.53 -10.51
N ASN B 334 5.45 -9.07 -11.21
CA ASN B 334 5.56 -8.31 -12.47
C ASN B 334 6.13 -6.90 -12.14
N PRO B 335 7.28 -6.53 -12.71
CA PRO B 335 7.90 -5.21 -12.42
C PRO B 335 7.35 -4.05 -13.32
N ARG B 336 6.35 -4.34 -14.14
CA ARG B 336 5.78 -3.38 -15.10
C ARG B 336 5.58 -1.99 -14.48
N GLN B 337 6.17 -0.98 -15.14
CA GLN B 337 5.95 0.41 -14.78
C GLN B 337 4.73 0.94 -15.49
N HIS B 338 3.66 1.17 -14.74
CA HIS B 338 2.43 1.70 -15.33
C HIS B 338 2.47 3.18 -15.58
N SER B 339 3.32 3.90 -14.85
CA SER B 339 3.35 5.35 -14.96
C SER B 339 4.78 5.86 -14.78
N PRO B 340 5.21 6.77 -15.67
CA PRO B 340 6.46 7.49 -15.48
C PRO B 340 6.47 8.17 -14.12
N ALA B 341 7.66 8.29 -13.53
CA ALA B 341 7.75 8.69 -12.11
C ALA B 341 8.99 9.52 -11.80
N ALA B 342 8.88 10.28 -10.71
CA ALA B 342 10.03 10.95 -10.12
C ALA B 342 9.87 10.81 -8.62
N MET B 343 10.97 10.81 -7.88
CA MET B 343 10.96 10.74 -6.42
C MET B 343 11.85 11.86 -5.89
N LEU B 344 11.29 12.63 -4.95
CA LEU B 344 12.05 13.66 -4.22
C LEU B 344 12.25 13.20 -2.78
N ASN B 345 13.49 13.11 -2.31
CA ASN B 345 13.72 12.80 -0.92
C ASN B 345 13.38 13.98 -0.05
N ILE B 346 12.93 13.69 1.17
CA ILE B 346 12.65 14.67 2.21
C ILE B 346 13.59 14.42 3.39
N LEU B 347 14.56 15.30 3.52
CA LEU B 347 15.47 15.27 4.65
C LEU B 347 14.91 16.13 5.79
N GLY B 348 15.48 15.94 6.97
CA GLY B 348 15.12 16.77 8.12
C GLY B 348 15.37 18.26 7.91
N ASP B 349 16.30 18.59 7.02
CA ASP B 349 16.63 19.97 6.64
C ASP B 349 15.35 20.75 6.22
N VAL B 350 14.32 20.04 5.71
CA VAL B 350 13.09 20.70 5.25
C VAL B 350 12.35 21.36 6.41
N TRP B 351 12.55 20.83 7.63
CA TRP B 351 11.94 21.37 8.85
C TRP B 351 12.69 22.58 9.40
N PHE B 352 13.80 22.96 8.79
CA PHE B 352 14.64 24.04 9.35
C PHE B 352 14.81 25.24 8.40
N PRO B 353 13.71 25.88 8.02
CA PRO B 353 13.82 27.06 7.16
C PRO B 353 14.52 28.26 7.81
N ASN B 354 14.62 28.24 9.14
CA ASN B 354 15.34 29.28 9.86
C ASN B 354 16.71 28.84 10.36
N GLY B 355 17.20 27.73 9.81
CA GLY B 355 18.46 27.11 10.25
C GLY B 355 18.25 26.03 11.26
N ALA B 356 19.22 25.11 11.37
CA ALA B 356 19.12 23.96 12.22
C ALA B 356 18.94 24.34 13.68
N ALA B 357 19.62 25.41 14.11
CA ALA B 357 19.60 25.75 15.53
C ALA B 357 18.26 26.36 15.97
N ALA B 358 17.56 27.04 15.05
CA ALA B 358 16.37 27.86 15.38
C ALA B 358 15.10 27.02 15.63
N GLY B 359 15.15 25.75 15.29
CA GLY B 359 14.06 24.87 15.67
C GLY B 359 13.10 24.56 14.55
N ALA B 360 12.44 23.44 14.72
CA ALA B 360 11.65 22.82 13.66
C ALA B 360 10.40 23.62 13.32
N VAL B 361 10.08 23.66 12.02
CA VAL B 361 8.86 24.24 11.51
C VAL B 361 8.20 23.14 10.67
N THR B 362 6.95 22.82 10.97
CA THR B 362 6.23 21.80 10.19
C THR B 362 6.07 22.18 8.72
N PRO B 363 6.55 21.33 7.79
CA PRO B 363 6.41 21.68 6.39
C PRO B 363 4.92 21.72 5.95
N PRO B 364 4.66 22.32 4.79
CA PRO B 364 3.28 22.47 4.31
C PRO B 364 2.71 21.23 3.63
N TRP B 365 2.48 20.19 4.39
CA TRP B 365 2.08 18.92 3.79
C TRP B 365 0.75 18.98 3.11
N ASP B 366 -0.15 19.86 3.56
CA ASP B 366 -1.40 20.10 2.82
C ASP B 366 -1.17 20.59 1.39
N THR B 367 -0.22 21.52 1.23
CA THR B 367 0.09 22.02 -0.09
C THR B 367 0.65 20.88 -0.95
N VAL B 368 1.50 20.05 -0.39
CA VAL B 368 2.01 18.91 -1.15
C VAL B 368 0.89 17.95 -1.56
N ALA B 369 -0.01 17.66 -0.64
CA ALA B 369 -1.16 16.77 -0.95
C ALA B 369 -2.08 17.29 -2.02
N ALA B 370 -2.14 18.62 -2.15
CA ALA B 370 -2.94 19.22 -3.24
C ALA B 370 -2.32 19.00 -4.64
N MET B 371 -1.08 18.57 -4.72
CA MET B 371 -0.43 18.33 -6.03
C MET B 371 -1.00 17.02 -6.58
N PRO B 372 -1.65 17.04 -7.75
CA PRO B 372 -2.29 15.80 -8.23
C PRO B 372 -1.33 14.65 -8.51
N ALA B 373 -0.06 14.94 -8.82
CA ALA B 373 0.91 13.88 -9.12
C ALA B 373 1.53 13.27 -7.87
N ALA B 374 1.34 13.92 -6.70
CA ALA B 374 2.16 13.55 -5.54
C ALA B 374 1.62 12.39 -4.70
N HIS B 375 2.54 11.57 -4.21
CA HIS B 375 2.24 10.56 -3.18
C HIS B 375 3.19 10.80 -2.03
N LEU B 376 2.64 11.21 -0.87
CA LEU B 376 3.44 11.59 0.29
C LEU B 376 3.73 10.41 1.19
N HIS B 377 5.01 10.09 1.39
CA HIS B 377 5.45 9.03 2.30
C HIS B 377 6.26 9.62 3.43
N LEU B 378 5.74 9.53 4.64
CA LEU B 378 6.47 10.05 5.82
C LEU B 378 6.67 8.88 6.75
N TYR B 379 7.86 8.80 7.33
CA TYR B 379 8.32 7.56 7.96
C TYR B 379 8.01 7.40 9.42
N GLY B 380 7.39 8.39 10.06
CA GLY B 380 7.04 8.27 11.47
C GLY B 380 8.23 8.45 12.40
N LYS B 381 9.29 9.11 11.94
CA LYS B 381 10.45 9.39 12.81
C LYS B 381 10.13 10.62 13.65
N GLU B 382 10.55 10.59 14.89
CA GLU B 382 10.17 11.58 15.88
C GLU B 382 10.87 12.91 15.68
N GLU B 383 12.17 12.87 15.45
CA GLU B 383 12.98 14.08 15.41
C GLU B 383 13.61 14.37 14.06
N ALA B 384 13.26 15.53 13.51
CA ALA B 384 13.92 16.04 12.32
C ALA B 384 15.34 16.44 12.66
N ARG B 385 16.32 15.93 11.94
CA ARG B 385 17.72 16.32 12.04
C ARG B 385 18.30 16.53 10.66
N VAL B 386 19.28 17.42 10.57
CA VAL B 386 19.99 17.67 9.32
C VAL B 386 20.55 16.37 8.76
N GLY B 387 20.31 16.17 7.47
CA GLY B 387 20.79 14.98 6.78
C GLY B 387 19.98 13.73 7.00
N ARG B 388 18.99 13.77 7.88
CA ARG B 388 18.22 12.55 8.23
C ARG B 388 17.10 12.36 7.23
N LYS B 389 16.92 11.13 6.75
CA LYS B 389 15.85 10.84 5.80
C LYS B 389 14.52 10.63 6.53
N MET B 390 13.60 11.57 6.32
CA MET B 390 12.34 11.63 7.06
C MET B 390 11.15 11.14 6.24
N GLY B 391 11.30 11.19 4.92
CA GLY B 391 10.25 10.76 4.00
C GLY B 391 10.69 10.88 2.57
N HIS B 392 9.72 10.68 1.66
CA HIS B 392 9.91 10.99 0.26
C HIS B 392 8.58 11.32 -0.36
N VAL B 393 8.61 12.03 -1.48
CA VAL B 393 7.39 12.26 -2.25
C VAL B 393 7.60 11.66 -3.65
N ASN B 394 6.76 10.69 -4.00
CA ASN B 394 6.77 10.13 -5.36
C ASN B 394 5.83 10.99 -6.16
N PHE B 395 6.16 11.14 -7.45
CA PHE B 395 5.31 11.82 -8.41
C PHE B 395 5.08 10.89 -9.59
N THR B 396 3.81 10.64 -9.90
CA THR B 396 3.46 9.83 -11.07
C THR B 396 2.53 10.63 -11.97
N ALA B 397 2.66 10.42 -13.26
CA ALA B 397 1.77 11.05 -14.25
C ALA B 397 1.80 10.23 -15.53
N GLU B 398 0.87 10.52 -16.43
CA GLU B 398 0.83 9.85 -17.69
C GLU B 398 2.10 10.12 -18.49
N MET B 399 2.60 11.36 -18.41
CA MET B 399 3.79 11.78 -19.11
C MET B 399 4.96 12.08 -18.14
N ARG B 400 6.12 11.59 -18.47
CA ARG B 400 7.28 11.75 -17.60
C ARG B 400 7.59 13.23 -17.31
N ASP B 401 7.52 14.08 -18.33
CA ASP B 401 7.81 15.49 -18.12
C ASP B 401 6.96 16.09 -17.02
N ASP B 402 5.69 15.70 -16.95
CA ASP B 402 4.80 16.19 -15.93
C ASP B 402 5.19 15.67 -14.52
N ALA B 403 5.65 14.43 -14.43
CA ALA B 403 6.13 13.92 -13.13
C ALA B 403 7.35 14.71 -12.66
N VAL B 404 8.25 14.96 -13.60
CA VAL B 404 9.46 15.69 -13.30
C VAL B 404 9.16 17.15 -12.94
N ALA B 405 8.26 17.82 -13.67
CA ALA B 405 7.90 19.21 -13.38
C ALA B 405 7.29 19.28 -11.97
N ALA B 406 6.48 18.30 -11.62
CA ALA B 406 5.83 18.29 -10.28
C ALA B 406 6.89 18.12 -9.18
N ALA B 407 7.84 17.20 -9.36
CA ALA B 407 8.93 17.04 -8.42
C ALA B 407 9.78 18.30 -8.26
N THR B 408 10.07 18.95 -9.38
CA THR B 408 10.85 20.19 -9.38
C THR B 408 10.12 21.31 -8.63
N ALA B 409 8.81 21.46 -8.89
CA ALA B 409 8.01 22.48 -8.23
C ALA B 409 7.90 22.19 -6.74
N CYS B 410 7.80 20.92 -6.38
CA CYS B 410 7.74 20.55 -4.96
C CYS B 410 9.07 20.87 -4.28
N ALA B 411 10.17 20.60 -4.96
CA ALA B 411 11.50 20.94 -4.40
C ALA B 411 11.62 22.42 -4.17
N GLN B 412 11.11 23.23 -5.10
CA GLN B 412 11.12 24.70 -4.89
C GLN B 412 10.27 25.08 -3.64
N LEU B 413 9.06 24.55 -3.58
CA LEU B 413 8.16 24.79 -2.44
C LEU B 413 8.81 24.49 -1.09
N LEU B 414 9.43 23.32 -1.02
CA LEU B 414 10.01 22.79 0.21
C LEU B 414 11.46 23.23 0.46
N ARG B 415 12.03 24.00 -0.45
CA ARG B 415 13.38 24.53 -0.33
C ARG B 415 14.41 23.39 -0.32
N VAL B 416 14.19 22.39 -1.17
CA VAL B 416 15.10 21.27 -1.33
C VAL B 416 16.05 21.51 -2.48
N PRO B 417 17.37 21.63 -2.18
CA PRO B 417 18.29 21.94 -3.27
C PRO B 417 18.60 20.71 -4.13
N LEU B 418 18.56 20.91 -5.45
CA LEU B 418 18.85 19.84 -6.42
C LEU B 418 20.22 20.00 -7.08
N ASP B 419 20.87 21.12 -6.81
CA ASP B 419 22.24 21.41 -7.26
C ASP B 419 22.82 22.56 -6.43
#